data_3U9D
#
_entry.id   3U9D
#
_cell.length_a   45.698
_cell.length_b   75.738
_cell.length_c   128.518
_cell.angle_alpha   90.00
_cell.angle_beta   90.03
_cell.angle_gamma   90.00
#
_symmetry.space_group_name_H-M   'P 1 21 1'
#
loop_
_entity.id
_entity.type
_entity.pdbx_description
1 polymer 'Actin, alpha skeletal muscle'
2 polymer 'Thymosin beta-4, Chimeric protein'
3 non-polymer "ADENOSINE-5'-TRIPHOSPHATE"
4 non-polymer 'MAGNESIUM ION'
#
loop_
_entity_poly.entity_id
_entity_poly.type
_entity_poly.pdbx_seq_one_letter_code
_entity_poly.pdbx_strand_id
1 'polypeptide(L)'
;DEDETTALVCDNGSGLVKAGFAGDDAPRAVFPSIVGRPRHQGVMVGMGQKDSYVGDEAQSKRGILTLKYPIEHGIITNWD
DMEKIWHHTFYNELRVAPEEHPTLLTEAPLNPKANREKMTQIMFETFNVPAMYVAIQAVLSLYASGRTTGIVLDSGDGVT
HNVPIYEGYALPHAIMRLDLAGRDLTDYLMKILTERGYSFVTTAEREIVRDIKEKLCYVALDFENEMATAASSSSLEKSY
ELPDGQVITIGNERFRCPETLFQPSFIGMESAGIHETTYNSIMKCDIDIRKDLYANNVMSGGTTMYPGIADRMQKEITAL
APSTMKIKIIAPPERKYSVWIGGSILASLSTFQQMWITKQEYDEAGPSIVHRKCF
;
A,C
2 'polypeptide(L)' GPLGSLKDLPKVAENLKSQLEGFDKSKLKKTETQEKNPLPSKETIEQEKQAGES B,D
#
loop_
_chem_comp.id
_chem_comp.type
_chem_comp.name
_chem_comp.formula
ATP non-polymer ADENOSINE-5'-TRIPHOSPHATE 'C10 H16 N5 O13 P3'
MG non-polymer 'MAGNESIUM ION' 'Mg 2'
#
# COMPACT_ATOMS: atom_id res chain seq x y z
N THR A 6 19.06 6.79 -8.53
CA THR A 6 18.63 8.02 -9.28
C THR A 6 17.43 8.73 -8.65
N ALA A 7 17.33 10.04 -8.89
CA ALA A 7 16.20 10.82 -8.38
C ALA A 7 15.09 10.95 -9.43
N LEU A 8 13.84 10.83 -8.97
CA LEU A 8 12.68 10.99 -9.84
C LEU A 8 12.02 12.35 -9.68
N VAL A 9 11.46 12.86 -10.78
CA VAL A 9 10.76 14.14 -10.80
C VAL A 9 9.37 13.85 -11.32
N CYS A 10 8.35 14.30 -10.58
CA CYS A 10 6.96 14.06 -10.93
C CYS A 10 6.08 15.26 -10.61
N ASP A 11 5.46 15.81 -11.65
CA ASP A 11 4.62 17.00 -11.57
C ASP A 11 3.14 16.62 -11.76
N ASN A 12 2.36 16.76 -10.70
CA ASN A 12 0.99 16.29 -10.64
C ASN A 12 -0.05 17.36 -10.97
N GLY A 13 -0.45 17.44 -12.24
CA GLY A 13 -1.44 18.43 -12.65
C GLY A 13 -2.86 17.90 -12.72
N SER A 14 -3.82 18.83 -12.68
CA SER A 14 -5.21 18.48 -13.00
C SER A 14 -5.20 17.83 -14.38
N GLY A 15 -4.40 18.40 -15.28
CA GLY A 15 -4.41 17.99 -16.68
C GLY A 15 -3.40 16.93 -17.07
N LEU A 16 -2.13 17.13 -16.70
CA LEU A 16 -1.07 16.23 -17.16
C LEU A 16 -0.03 15.88 -16.11
N VAL A 17 0.31 14.60 -16.04
CA VAL A 17 1.38 14.12 -15.18
C VAL A 17 2.66 13.99 -16.00
N LYS A 18 3.45 15.07 -16.04
CA LYS A 18 4.79 15.04 -16.64
C LYS A 18 5.76 14.34 -15.66
N ALA A 19 6.44 13.30 -16.15
CA ALA A 19 7.36 12.53 -15.32
C ALA A 19 8.60 12.13 -16.08
N GLY A 20 9.62 11.68 -15.34
CA GLY A 20 10.96 11.36 -15.86
C GLY A 20 12.03 11.38 -14.77
N PHE A 21 13.28 11.56 -15.19
CA PHE A 21 14.44 11.50 -14.27
C PHE A 21 15.17 12.83 -14.19
N ALA A 22 15.73 13.11 -13.00
CA ALA A 22 16.55 14.31 -12.77
C ALA A 22 17.73 14.42 -13.72
N GLY A 23 18.20 15.63 -13.98
CA GLY A 23 19.31 15.84 -14.92
C GLY A 23 18.94 15.69 -16.40
N ASP A 24 17.71 15.25 -16.66
CA ASP A 24 17.18 15.20 -18.03
C ASP A 24 16.60 16.56 -18.40
N ASP A 25 16.62 16.91 -19.69
CA ASP A 25 16.05 18.19 -20.13
C ASP A 25 14.57 18.08 -20.53
N ALA A 26 13.98 16.89 -20.39
CA ALA A 26 12.61 16.63 -20.87
C ALA A 26 12.05 15.32 -20.33
N PRO A 27 10.86 15.39 -19.70
CA PRO A 27 10.13 14.25 -19.10
C PRO A 27 9.91 13.10 -20.07
N ARG A 28 10.11 11.87 -19.63
CA ARG A 28 9.86 10.73 -20.49
C ARG A 28 8.39 10.37 -20.57
N ALA A 29 7.66 10.57 -19.48
CA ALA A 29 6.26 10.20 -19.41
C ALA A 29 5.39 11.43 -19.35
N VAL A 30 4.42 11.52 -20.26
CA VAL A 30 3.47 12.64 -20.24
C VAL A 30 2.07 12.13 -20.54
N PHE A 31 1.22 12.08 -19.51
CA PHE A 31 -0.11 11.52 -19.67
C PHE A 31 -1.22 12.19 -18.84
N PRO A 32 -2.47 12.15 -19.34
CA PRO A 32 -3.63 12.71 -18.63
C PRO A 32 -3.71 12.28 -17.18
N SER A 33 -4.28 13.12 -16.32
CA SER A 33 -4.31 12.84 -14.88
C SER A 33 -5.63 12.20 -14.44
N ILE A 34 -5.85 10.96 -14.86
CA ILE A 34 -7.18 10.35 -14.73
C ILE A 34 -7.13 8.88 -14.32
N VAL A 35 -7.99 8.52 -13.37
CA VAL A 35 -8.18 7.13 -12.99
C VAL A 35 -9.48 6.63 -13.62
N GLY A 36 -9.43 5.43 -14.20
CA GLY A 36 -10.61 4.82 -14.78
C GLY A 36 -10.94 3.51 -14.08
N ARG A 37 -12.22 3.28 -13.83
CA ARG A 37 -12.65 2.03 -13.20
C ARG A 37 -13.85 1.42 -13.92
N PRO A 38 -13.92 0.07 -13.94
CA PRO A 38 -15.04 -0.62 -14.60
C PRO A 38 -16.39 -0.08 -14.15
N ARG A 39 -17.17 0.44 -15.09
CA ARG A 39 -18.46 1.05 -14.78
C ARG A 39 -19.36 0.08 -14.04
N HIS A 40 -19.39 -1.17 -14.49
CA HIS A 40 -20.38 -2.12 -14.00
C HIS A 40 -19.76 -3.44 -13.56
N GLN A 41 -20.55 -4.52 -13.63
CA GLN A 41 -20.14 -5.84 -13.17
C GLN A 41 -19.77 -5.81 -11.68
N ASP A 51 -8.77 -4.43 -13.31
CA ASP A 51 -9.97 -3.64 -13.10
C ASP A 51 -9.66 -2.18 -12.70
N SER A 52 -8.83 -1.53 -13.51
CA SER A 52 -8.53 -0.10 -13.39
C SER A 52 -7.41 0.29 -14.36
N TYR A 53 -7.52 1.47 -14.93
CA TYR A 53 -6.55 1.97 -15.90
C TYR A 53 -6.19 3.42 -15.60
N VAL A 54 -4.98 3.82 -15.99
CA VAL A 54 -4.55 5.21 -15.85
C VAL A 54 -4.10 5.80 -17.19
N GLY A 55 -4.30 7.10 -17.36
CA GLY A 55 -3.72 7.85 -18.45
C GLY A 55 -4.39 7.71 -19.81
N ASP A 56 -3.57 7.55 -20.84
CA ASP A 56 -4.04 7.43 -22.22
C ASP A 56 -4.82 6.14 -22.43
N GLU A 57 -4.53 5.12 -21.63
CA GLU A 57 -5.23 3.85 -21.69
C GLU A 57 -6.61 3.94 -21.01
N ALA A 58 -6.76 4.91 -20.11
CA ALA A 58 -8.04 5.18 -19.48
C ALA A 58 -8.91 6.09 -20.37
N GLN A 59 -8.25 6.81 -21.27
CA GLN A 59 -8.91 7.71 -22.21
C GLN A 59 -9.45 6.90 -23.41
N SER A 60 -8.63 5.98 -23.89
CA SER A 60 -8.96 5.16 -25.05
C SER A 60 -10.12 4.18 -24.76
N LYS A 61 -10.35 3.88 -23.49
CA LYS A 61 -11.41 2.95 -23.08
C LYS A 61 -12.44 3.64 -22.20
N ARG A 62 -12.75 4.91 -22.52
CA ARG A 62 -13.66 5.73 -21.72
C ARG A 62 -15.11 5.26 -21.78
N GLY A 63 -15.38 4.28 -22.64
CA GLY A 63 -16.73 3.74 -22.80
C GLY A 63 -17.17 2.82 -21.67
N ILE A 64 -16.31 1.88 -21.30
CA ILE A 64 -16.65 0.90 -20.26
C ILE A 64 -16.04 1.21 -18.89
N LEU A 65 -15.41 2.39 -18.77
CA LEU A 65 -14.78 2.82 -17.51
C LEU A 65 -15.36 4.14 -16.98
N THR A 66 -15.55 4.20 -15.66
CA THR A 66 -15.94 5.46 -15.01
C THR A 66 -14.70 6.35 -14.78
N LEU A 67 -14.65 7.48 -15.49
CA LEU A 67 -13.49 8.37 -15.47
C LEU A 67 -13.46 9.30 -14.26
N LYS A 68 -12.26 9.70 -13.84
CA LYS A 68 -12.14 10.62 -12.73
C LYS A 68 -10.87 11.45 -12.81
N TYR A 69 -11.02 12.73 -12.49
CA TYR A 69 -9.91 13.67 -12.37
C TYR A 69 -9.57 13.89 -10.89
N PRO A 70 -8.67 13.06 -10.32
CA PRO A 70 -8.30 13.12 -8.90
C PRO A 70 -7.62 14.45 -8.56
N ILE A 71 -6.89 15.00 -9.52
CA ILE A 71 -6.47 16.39 -9.45
C ILE A 71 -7.43 17.15 -10.34
N GLU A 72 -8.20 18.04 -9.73
CA GLU A 72 -8.97 19.01 -10.46
C GLU A 72 -8.49 20.28 -9.80
N HIS A 73 -8.24 21.30 -10.61
CA HIS A 73 -7.93 22.63 -10.07
C HIS A 73 -6.65 22.72 -9.20
N GLY A 74 -5.74 21.76 -9.39
CA GLY A 74 -4.43 21.75 -8.72
C GLY A 74 -4.34 20.98 -7.40
N ILE A 75 -5.45 20.87 -6.67
CA ILE A 75 -5.47 20.22 -5.35
C ILE A 75 -5.94 18.75 -5.41
N ILE A 76 -5.15 17.86 -4.85
CA ILE A 76 -5.48 16.45 -4.83
C ILE A 76 -6.72 16.30 -3.97
N THR A 77 -7.79 15.78 -4.57
CA THR A 77 -9.10 15.68 -3.92
C THR A 77 -9.45 14.26 -3.45
N ASN A 78 -8.82 13.26 -4.04
CA ASN A 78 -9.11 11.87 -3.72
C ASN A 78 -7.82 11.09 -3.69
N TRP A 79 -7.58 10.39 -2.60
CA TRP A 79 -6.27 9.81 -2.42
C TRP A 79 -6.07 8.43 -3.05
N ASP A 80 -7.13 7.63 -3.12
CA ASP A 80 -7.05 6.31 -3.76
C ASP A 80 -6.78 6.48 -5.24
N ASP A 81 -7.51 7.39 -5.86
CA ASP A 81 -7.26 7.68 -7.25
C ASP A 81 -5.83 8.19 -7.47
N MET A 82 -5.42 9.21 -6.71
CA MET A 82 -4.06 9.72 -6.88
C MET A 82 -3.03 8.67 -6.47
N GLU A 83 -3.41 7.76 -5.59
CA GLU A 83 -2.52 6.68 -5.25
C GLU A 83 -2.34 5.75 -6.45
N LYS A 84 -3.42 5.48 -7.18
CA LYS A 84 -3.36 4.70 -8.41
C LYS A 84 -2.54 5.44 -9.48
N ILE A 85 -2.64 6.76 -9.51
CA ILE A 85 -1.88 7.49 -10.53
C ILE A 85 -0.38 7.53 -10.22
N TRP A 86 -0.01 7.49 -8.95
CA TRP A 86 1.43 7.37 -8.61
C TRP A 86 1.96 5.97 -8.83
N HIS A 87 1.11 4.96 -8.60
CA HIS A 87 1.51 3.59 -8.90
C HIS A 87 1.87 3.48 -10.37
N HIS A 88 1.00 4.01 -11.22
CA HIS A 88 1.15 3.89 -12.66
C HIS A 88 2.38 4.65 -13.19
N THR A 89 2.67 5.81 -12.60
CA THR A 89 3.86 6.58 -12.96
C THR A 89 5.13 5.79 -12.73
N PHE A 90 5.23 5.15 -11.58
CA PHE A 90 6.38 4.29 -11.32
C PHE A 90 6.48 3.11 -12.32
N TYR A 91 5.46 2.24 -12.33
CA TYR A 91 5.58 0.92 -12.94
C TYR A 91 5.29 0.85 -14.45
N ASN A 92 4.31 1.63 -14.94
CA ASN A 92 4.03 1.62 -16.37
C ASN A 92 4.80 2.64 -17.22
N GLU A 93 4.80 3.91 -16.82
CA GLU A 93 5.32 4.96 -17.70
C GLU A 93 6.83 5.06 -17.61
N LEU A 94 7.34 5.11 -16.39
CA LEU A 94 8.77 5.17 -16.17
C LEU A 94 9.39 3.78 -16.15
N ARG A 95 8.69 2.83 -15.54
CA ARG A 95 9.22 1.47 -15.35
C ARG A 95 10.31 1.45 -14.29
N VAL A 96 10.00 1.91 -13.08
CA VAL A 96 10.97 1.84 -11.98
C VAL A 96 10.45 1.10 -10.75
N ALA A 97 11.40 0.68 -9.92
CA ALA A 97 11.15 0.26 -8.55
C ALA A 97 11.27 1.51 -7.65
N PRO A 98 10.13 2.07 -7.21
CA PRO A 98 10.10 3.28 -6.38
C PRO A 98 10.90 3.20 -5.07
N GLU A 99 11.27 2.00 -4.63
CA GLU A 99 11.98 1.86 -3.36
C GLU A 99 13.41 2.40 -3.38
N GLU A 100 13.94 2.68 -4.57
CA GLU A 100 15.34 3.03 -4.67
C GLU A 100 15.63 4.42 -5.25
N HIS A 101 14.62 5.28 -5.32
CA HIS A 101 14.78 6.61 -5.93
C HIS A 101 14.23 7.74 -5.07
N PRO A 102 15.07 8.75 -4.77
CA PRO A 102 14.46 9.97 -4.23
C PRO A 102 13.42 10.49 -5.23
N THR A 103 12.29 10.98 -4.71
CA THR A 103 11.17 11.46 -5.52
C THR A 103 10.82 12.91 -5.21
N LEU A 104 10.95 13.79 -6.18
CA LEU A 104 10.58 15.19 -5.96
C LEU A 104 9.18 15.35 -6.55
N LEU A 105 8.26 15.74 -5.68
CA LEU A 105 6.88 15.90 -6.05
C LEU A 105 6.56 17.39 -6.05
N THR A 106 5.70 17.84 -6.95
CA THR A 106 5.30 19.23 -6.97
C THR A 106 3.86 19.35 -6.50
N GLU A 107 3.55 20.42 -5.78
CA GLU A 107 2.20 20.74 -5.36
C GLU A 107 1.76 22.06 -5.99
N ALA A 108 0.50 22.42 -5.75
CA ALA A 108 -0.05 23.68 -6.24
C ALA A 108 0.31 24.73 -5.23
N PRO A 109 0.18 26.03 -5.58
CA PRO A 109 0.31 27.10 -4.60
C PRO A 109 -0.83 27.06 -3.60
N LEU A 110 -0.57 27.56 -2.38
CA LEU A 110 -1.59 27.62 -1.31
C LEU A 110 -2.27 26.26 -1.05
N ASN A 111 -1.52 25.19 -1.20
CA ASN A 111 -2.01 23.88 -0.87
C ASN A 111 -2.14 23.74 0.64
N PRO A 112 -3.30 23.23 1.12
CA PRO A 112 -3.54 22.98 2.54
C PRO A 112 -2.45 22.11 3.16
N LYS A 113 -2.12 22.40 4.42
CA LYS A 113 -1.16 21.58 5.16
C LYS A 113 -1.53 20.10 5.14
N ALA A 114 -2.78 19.77 5.42
CA ALA A 114 -3.27 18.39 5.44
C ALA A 114 -3.00 17.67 4.12
N ASN A 115 -3.29 18.31 2.99
CA ASN A 115 -2.90 17.75 1.70
C ASN A 115 -1.39 17.46 1.65
N ARG A 116 -0.55 18.43 2.03
CA ARG A 116 0.92 18.29 1.96
C ARG A 116 1.49 17.24 2.92
N GLU A 117 0.91 17.12 4.12
CA GLU A 117 1.20 16.01 5.03
C GLU A 117 0.87 14.64 4.45
N LYS A 118 -0.27 14.53 3.75
CA LYS A 118 -0.71 13.25 3.15
C LYS A 118 0.18 12.78 1.99
N MET A 119 0.71 13.74 1.22
CA MET A 119 1.67 13.44 0.13
C MET A 119 2.90 12.73 0.71
N THR A 120 3.48 13.27 1.76
CA THR A 120 4.61 12.63 2.43
C THR A 120 4.25 11.26 3.05
N GLN A 121 3.23 11.24 3.90
CA GLN A 121 2.77 9.99 4.51
C GLN A 121 2.65 8.85 3.49
N ILE A 122 2.07 9.16 2.32
CA ILE A 122 1.83 8.14 1.29
C ILE A 122 3.12 7.72 0.58
N MET A 123 3.96 8.70 0.27
CA MET A 123 5.26 8.48 -0.40
C MET A 123 6.22 7.59 0.38
N PHE A 124 6.36 7.82 1.69
CA PHE A 124 7.20 6.96 2.49
C PHE A 124 6.52 5.60 2.79
N GLU A 125 5.19 5.57 2.89
CA GLU A 125 4.51 4.37 3.42
C GLU A 125 3.95 3.34 2.43
N THR A 126 3.46 3.80 1.27
CA THR A 126 3.00 2.88 0.25
C THR A 126 4.18 2.47 -0.62
N PHE A 127 4.89 3.46 -1.15
CA PHE A 127 5.94 3.19 -2.11
C PHE A 127 7.32 3.02 -1.48
N ASN A 128 7.41 3.33 -0.18
CA ASN A 128 8.68 3.28 0.54
C ASN A 128 9.87 3.89 -0.22
N VAL A 129 9.75 5.16 -0.59
CA VAL A 129 10.87 5.87 -1.22
C VAL A 129 12.07 6.00 -0.26
N PRO A 130 13.29 5.98 -0.81
CA PRO A 130 14.48 6.22 -0.01
C PRO A 130 14.43 7.60 0.62
N ALA A 131 13.75 8.52 -0.05
CA ALA A 131 13.60 9.91 0.38
C ALA A 131 12.71 10.67 -0.60
N MET A 132 12.19 11.81 -0.17
CA MET A 132 11.39 12.67 -1.05
C MET A 132 11.51 14.15 -0.66
N TYR A 133 11.05 15.02 -1.55
CA TYR A 133 10.91 16.46 -1.27
C TYR A 133 9.66 16.97 -2.00
N VAL A 134 8.98 17.98 -1.45
CA VAL A 134 7.96 18.71 -2.21
C VAL A 134 8.33 20.19 -2.45
N ALA A 135 8.05 20.69 -3.65
CA ALA A 135 8.18 22.11 -3.95
C ALA A 135 6.94 22.70 -4.59
N ILE A 136 6.98 23.99 -4.86
CA ILE A 136 5.85 24.66 -5.49
C ILE A 136 6.12 24.97 -6.98
N GLN A 137 5.20 24.51 -7.81
CA GLN A 137 5.34 24.62 -9.25
C GLN A 137 5.92 25.97 -9.71
N ALA A 138 5.25 27.05 -9.34
CA ALA A 138 5.70 28.36 -9.75
C ALA A 138 7.21 28.53 -9.44
N VAL A 139 7.61 28.24 -8.19
CA VAL A 139 9.04 28.27 -7.83
C VAL A 139 9.86 27.47 -8.85
N LEU A 140 9.33 26.32 -9.26
CA LEU A 140 10.10 25.44 -10.13
C LEU A 140 10.21 25.99 -11.54
N SER A 141 9.28 26.85 -11.96
CA SER A 141 9.35 27.44 -13.31
C SER A 141 10.24 28.66 -13.24
N LEU A 142 10.45 29.17 -12.05
CA LEU A 142 11.39 30.28 -11.83
C LEU A 142 12.82 29.74 -11.81
N TYR A 143 13.04 28.73 -10.98
CA TYR A 143 14.32 28.08 -10.94
C TYR A 143 14.74 27.65 -12.33
N ALA A 144 13.79 27.39 -13.23
CA ALA A 144 14.16 26.97 -14.61
C ALA A 144 14.69 28.11 -15.46
N SER A 145 14.20 29.32 -15.22
CA SER A 145 14.59 30.41 -16.12
C SER A 145 15.89 31.06 -15.69
N GLY A 146 16.48 30.55 -14.62
CA GLY A 146 17.76 31.08 -14.11
C GLY A 146 17.57 31.95 -12.89
N ARG A 147 16.33 32.10 -12.42
CA ARG A 147 16.03 33.11 -11.40
C ARG A 147 15.62 32.58 -10.04
N THR A 148 15.80 33.42 -9.03
CA THR A 148 15.35 33.11 -7.69
C THR A 148 14.41 34.20 -7.12
N THR A 149 14.07 35.21 -7.93
CA THR A 149 13.24 36.36 -7.52
C THR A 149 12.36 36.70 -8.68
N GLY A 150 11.14 37.18 -8.43
CA GLY A 150 10.20 37.49 -9.52
C GLY A 150 8.80 36.90 -9.34
N ILE A 151 7.87 37.32 -10.20
CA ILE A 151 6.48 36.86 -10.18
C ILE A 151 6.17 35.99 -11.41
N VAL A 152 5.70 34.76 -11.14
CA VAL A 152 5.44 33.77 -12.18
C VAL A 152 3.95 33.65 -12.50
N LEU A 153 3.59 33.66 -13.79
CA LEU A 153 2.22 33.36 -14.21
C LEU A 153 2.19 31.90 -14.59
N ASP A 154 1.44 31.12 -13.80
CA ASP A 154 1.33 29.70 -13.98
C ASP A 154 -0.08 29.41 -14.47
N SER A 155 -0.20 28.80 -15.65
CA SER A 155 -1.51 28.64 -16.26
C SER A 155 -1.60 27.29 -16.92
N GLY A 156 -2.33 26.38 -16.26
CA GLY A 156 -2.37 25.01 -16.71
C GLY A 156 -3.66 24.63 -17.41
N ASP A 157 -4.20 23.48 -17.04
CA ASP A 157 -5.41 22.95 -17.63
C ASP A 157 -6.62 23.40 -16.83
N GLY A 158 -6.55 23.26 -15.51
CA GLY A 158 -7.69 23.58 -14.64
C GLY A 158 -7.57 24.70 -13.61
N VAL A 159 -6.34 25.14 -13.31
CA VAL A 159 -6.13 26.31 -12.44
C VAL A 159 -5.11 27.25 -13.03
N THR A 160 -5.12 28.50 -12.59
CA THR A 160 -4.11 29.50 -12.95
C THR A 160 -3.64 30.16 -11.65
N HIS A 161 -2.38 30.57 -11.62
CA HIS A 161 -1.86 31.29 -10.48
C HIS A 161 -0.99 32.47 -10.87
N ASN A 162 -1.07 33.52 -10.07
CA ASN A 162 0.04 34.45 -9.90
C ASN A 162 0.87 34.01 -8.69
N VAL A 163 2.18 33.90 -8.87
CA VAL A 163 3.01 33.57 -7.67
C VAL A 163 4.28 34.37 -7.52
N PRO A 164 4.26 35.32 -6.58
CA PRO A 164 5.45 36.16 -6.31
C PRO A 164 6.53 35.36 -5.58
N ILE A 165 7.80 35.67 -5.82
CA ILE A 165 8.89 34.90 -5.22
C ILE A 165 10.09 35.83 -4.92
N TYR A 166 10.61 35.75 -3.72
CA TYR A 166 11.79 36.50 -3.33
C TYR A 166 12.82 35.51 -2.86
N GLU A 167 14.05 35.67 -3.33
CA GLU A 167 15.14 34.77 -2.90
C GLU A 167 14.64 33.34 -2.67
N GLY A 168 14.09 32.75 -3.72
CA GLY A 168 13.82 31.31 -3.74
C GLY A 168 12.48 30.86 -3.21
N TYR A 169 11.77 31.76 -2.52
CA TYR A 169 10.56 31.38 -1.79
C TYR A 169 9.35 32.16 -2.20
N ALA A 170 8.26 31.41 -2.45
CA ALA A 170 6.96 31.98 -2.80
C ALA A 170 6.41 32.72 -1.59
N LEU A 171 5.69 33.81 -1.84
CA LEU A 171 5.11 34.63 -0.77
C LEU A 171 3.62 34.31 -0.67
N PRO A 172 3.27 33.45 0.28
CA PRO A 172 1.96 32.83 0.38
C PRO A 172 0.85 33.85 0.53
N HIS A 173 1.11 34.90 1.31
CA HIS A 173 0.11 35.93 1.51
C HIS A 173 -0.14 36.82 0.27
N ALA A 174 0.64 36.65 -0.79
CA ALA A 174 0.53 37.53 -1.97
C ALA A 174 0.17 36.77 -3.27
N ILE A 175 -0.12 35.50 -3.11
CA ILE A 175 -0.49 34.65 -4.21
C ILE A 175 -1.88 35.06 -4.70
N MET A 176 -2.10 34.90 -6.01
CA MET A 176 -3.43 35.11 -6.59
C MET A 176 -3.80 33.95 -7.47
N ARG A 177 -5.06 33.55 -7.43
CA ARG A 177 -5.53 32.41 -8.16
C ARG A 177 -6.65 32.80 -9.11
N LEU A 178 -6.60 32.29 -10.32
CA LEU A 178 -7.71 32.47 -11.26
C LEU A 178 -8.32 31.07 -11.54
N ASP A 179 -9.51 30.83 -11.04
CA ASP A 179 -10.11 29.54 -11.35
C ASP A 179 -10.64 29.43 -12.79
N LEU A 180 -9.74 29.65 -13.75
CA LEU A 180 -9.99 29.43 -15.18
C LEU A 180 -8.65 29.14 -15.85
N ALA A 181 -8.54 28.06 -16.59
CA ALA A 181 -7.32 27.78 -17.38
C ALA A 181 -7.66 27.16 -18.76
N GLY A 182 -6.73 26.42 -19.33
CA GLY A 182 -6.93 25.85 -20.66
C GLY A 182 -8.22 25.09 -20.89
N ARG A 183 -8.66 24.34 -19.88
CA ARG A 183 -9.91 23.58 -19.94
C ARG A 183 -11.08 24.51 -20.25
N ASP A 184 -11.19 25.60 -19.48
CA ASP A 184 -12.24 26.59 -19.68
C ASP A 184 -12.22 27.29 -21.05
N LEU A 185 -11.05 27.43 -21.66
CA LEU A 185 -10.97 28.08 -22.99
C LEU A 185 -11.40 27.12 -24.10
N THR A 186 -11.28 25.82 -23.84
CA THR A 186 -11.73 24.81 -24.77
C THR A 186 -13.26 24.79 -24.81
N ASP A 187 -13.91 24.74 -23.66
CA ASP A 187 -15.37 24.80 -23.61
C ASP A 187 -15.89 26.00 -24.37
N TYR A 188 -15.42 27.17 -23.95
CA TYR A 188 -15.80 28.44 -24.57
C TYR A 188 -15.70 28.40 -26.09
N LEU A 189 -14.67 27.74 -26.61
CA LEU A 189 -14.46 27.66 -28.04
C LEU A 189 -15.45 26.69 -28.63
N MET A 190 -15.40 25.45 -28.14
CA MET A 190 -16.46 24.48 -28.40
C MET A 190 -17.82 25.17 -28.45
N LYS A 191 -18.12 25.96 -27.42
CA LYS A 191 -19.39 26.65 -27.31
C LYS A 191 -19.64 27.57 -28.51
N ILE A 192 -18.59 28.29 -28.88
CA ILE A 192 -18.64 29.34 -29.87
C ILE A 192 -18.80 28.77 -31.28
N LEU A 193 -18.15 27.65 -31.53
CA LEU A 193 -18.30 26.98 -32.83
C LEU A 193 -19.67 26.29 -32.91
N THR A 194 -20.14 25.79 -31.77
CA THR A 194 -21.50 25.26 -31.64
C THR A 194 -22.51 26.34 -32.02
N GLU A 195 -22.35 27.50 -31.43
CA GLU A 195 -23.22 28.64 -31.65
C GLU A 195 -23.28 29.05 -33.13
N ARG A 196 -22.32 28.55 -33.91
CA ARG A 196 -22.19 28.87 -35.33
C ARG A 196 -22.57 27.69 -36.22
N GLY A 197 -23.32 26.74 -35.67
CA GLY A 197 -23.91 25.64 -36.46
C GLY A 197 -23.30 24.28 -36.26
N TYR A 198 -22.13 24.24 -35.62
CA TYR A 198 -21.38 23.01 -35.47
C TYR A 198 -21.85 22.19 -34.29
N SER A 199 -21.52 20.91 -34.30
CA SER A 199 -21.93 20.00 -33.25
C SER A 199 -20.72 19.41 -32.55
N PHE A 200 -20.55 19.80 -31.29
CA PHE A 200 -19.47 19.32 -30.45
C PHE A 200 -20.03 19.07 -29.06
N VAL A 201 -20.35 17.80 -28.78
CA VAL A 201 -21.00 17.44 -27.53
C VAL A 201 -20.08 16.57 -26.68
N THR A 202 -19.95 15.31 -27.10
CA THR A 202 -19.21 14.29 -26.36
C THR A 202 -17.80 14.72 -25.99
N THR A 203 -17.29 14.11 -24.93
CA THR A 203 -15.92 14.32 -24.47
C THR A 203 -14.90 14.03 -25.57
N ALA A 204 -15.18 13.00 -26.39
CA ALA A 204 -14.22 12.52 -27.39
C ALA A 204 -14.15 13.37 -28.65
N GLU A 205 -15.10 14.29 -28.79
CA GLU A 205 -15.06 15.30 -29.85
C GLU A 205 -14.26 16.50 -29.35
N ARG A 206 -14.25 16.69 -28.03
CA ARG A 206 -13.48 17.76 -27.39
C ARG A 206 -12.06 17.83 -27.93
N GLU A 207 -11.44 16.68 -28.12
CA GLU A 207 -10.04 16.64 -28.60
C GLU A 207 -9.89 17.45 -29.86
N ILE A 208 -10.85 17.35 -30.76
CA ILE A 208 -10.81 18.12 -32.00
C ILE A 208 -10.69 19.60 -31.69
N VAL A 209 -11.61 20.08 -30.86
CA VAL A 209 -11.65 21.48 -30.48
C VAL A 209 -10.36 21.96 -29.80
N ARG A 210 -9.81 21.11 -28.95
CA ARG A 210 -8.57 21.38 -28.27
C ARG A 210 -7.45 21.52 -29.31
N ASP A 211 -7.47 20.68 -30.33
CA ASP A 211 -6.44 20.78 -31.35
C ASP A 211 -6.62 22.04 -32.19
N ILE A 212 -7.86 22.47 -32.36
CA ILE A 212 -8.16 23.77 -32.97
C ILE A 212 -7.57 24.87 -32.09
N LYS A 213 -7.87 24.82 -30.80
CA LYS A 213 -7.42 25.81 -29.83
C LYS A 213 -5.89 25.97 -29.80
N GLU A 214 -5.16 24.88 -29.85
CA GLU A 214 -3.72 24.97 -29.71
C GLU A 214 -3.01 25.36 -31.00
N LYS A 215 -3.50 24.88 -32.13
CA LYS A 215 -2.84 25.10 -33.40
C LYS A 215 -3.13 26.51 -33.89
N LEU A 216 -4.30 27.04 -33.53
CA LEU A 216 -4.86 28.17 -34.26
C LEU A 216 -5.16 29.45 -33.47
N CYS A 217 -5.37 29.31 -32.15
CA CYS A 217 -5.69 30.46 -31.31
C CYS A 217 -4.50 31.37 -30.97
N TYR A 218 -4.78 32.64 -30.61
CA TYR A 218 -3.74 33.63 -30.31
C TYR A 218 -4.25 34.85 -29.52
N VAL A 219 -3.41 35.44 -28.69
CA VAL A 219 -3.80 36.62 -27.95
C VAL A 219 -3.67 37.89 -28.80
N ALA A 220 -4.78 38.61 -28.98
CA ALA A 220 -4.78 39.93 -29.61
C ALA A 220 -4.01 40.93 -28.74
N LEU A 221 -3.04 41.62 -29.36
CA LEU A 221 -2.26 42.65 -28.71
C LEU A 221 -3.18 43.78 -28.25
N ASP A 222 -4.12 44.14 -29.11
CA ASP A 222 -5.22 45.07 -28.76
C ASP A 222 -6.52 44.48 -29.31
N PHE A 223 -7.52 44.35 -28.46
CA PHE A 223 -8.66 43.54 -28.79
C PHE A 223 -9.62 44.22 -29.74
N GLU A 224 -9.79 45.52 -29.60
CA GLU A 224 -10.73 46.21 -30.46
C GLU A 224 -10.14 46.48 -31.85
N ASN A 225 -8.84 46.73 -31.93
CA ASN A 225 -8.23 46.91 -33.24
C ASN A 225 -8.38 45.64 -34.01
N GLU A 226 -8.19 44.53 -33.28
CA GLU A 226 -8.20 43.21 -33.87
C GLU A 226 -9.61 42.82 -34.32
N MET A 227 -10.61 43.19 -33.53
CA MET A 227 -11.99 43.02 -33.90
C MET A 227 -12.24 43.79 -35.19
N ALA A 228 -11.62 44.96 -35.32
CA ALA A 228 -11.82 45.80 -36.52
C ALA A 228 -11.17 45.17 -37.75
N THR A 229 -10.06 44.48 -37.53
CA THR A 229 -9.28 43.87 -38.57
C THR A 229 -9.92 42.60 -39.13
N ALA A 230 -10.65 41.89 -38.28
CA ALA A 230 -11.18 40.59 -38.63
C ALA A 230 -12.44 40.80 -39.45
N ALA A 231 -13.13 41.92 -39.17
CA ALA A 231 -14.30 42.39 -39.88
C ALA A 231 -14.01 43.01 -41.26
N SER A 232 -12.90 43.76 -41.38
CA SER A 232 -12.58 44.45 -42.61
C SER A 232 -11.70 43.67 -43.56
N SER A 233 -11.26 42.49 -43.14
CA SER A 233 -10.43 41.71 -44.04
C SER A 233 -10.43 40.22 -43.72
N SER A 234 -10.08 39.45 -44.75
CA SER A 234 -10.00 37.99 -44.64
C SER A 234 -8.64 37.54 -44.10
N SER A 235 -7.74 38.48 -43.86
CA SER A 235 -6.35 38.15 -43.52
C SER A 235 -6.18 37.29 -42.24
N LEU A 236 -7.18 37.28 -41.37
CA LEU A 236 -7.11 36.49 -40.15
C LEU A 236 -7.90 35.17 -40.20
N GLU A 237 -8.54 34.90 -41.33
CA GLU A 237 -9.34 33.68 -41.47
C GLU A 237 -8.49 32.42 -41.59
N LYS A 238 -8.86 31.38 -40.83
CA LYS A 238 -8.14 30.11 -40.85
C LYS A 238 -9.02 28.91 -41.24
N SER A 239 -8.37 27.84 -41.71
CA SER A 239 -9.08 26.64 -42.12
C SER A 239 -8.48 25.42 -41.42
N TYR A 240 -9.34 24.55 -40.93
CA TYR A 240 -8.92 23.31 -40.30
C TYR A 240 -9.84 22.21 -40.82
N GLU A 241 -9.29 21.02 -41.05
CA GLU A 241 -10.04 19.95 -41.68
C GLU A 241 -10.40 18.86 -40.69
N LEU A 242 -11.67 18.78 -40.30
CA LEU A 242 -12.12 17.75 -39.37
C LEU A 242 -11.78 16.37 -39.92
N PRO A 243 -11.72 15.36 -39.04
CA PRO A 243 -11.55 13.96 -39.48
C PRO A 243 -12.78 13.43 -40.22
N ASP A 244 -13.80 14.28 -40.39
CA ASP A 244 -15.00 13.88 -41.10
C ASP A 244 -15.13 14.51 -42.50
N GLY A 245 -14.38 15.59 -42.73
CA GLY A 245 -14.27 16.20 -44.07
C GLY A 245 -14.57 17.69 -44.21
N GLN A 246 -15.36 18.25 -43.30
CA GLN A 246 -15.77 19.65 -43.38
C GLN A 246 -14.60 20.60 -43.13
N VAL A 247 -14.65 21.78 -43.75
CA VAL A 247 -13.68 22.83 -43.47
C VAL A 247 -14.34 23.91 -42.59
N ILE A 248 -13.92 24.01 -41.35
CA ILE A 248 -14.38 25.10 -40.49
C ILE A 248 -13.51 26.31 -40.69
N THR A 249 -14.08 27.40 -41.21
CA THR A 249 -13.34 28.65 -41.31
C THR A 249 -13.54 29.51 -40.06
N ILE A 250 -12.49 29.60 -39.23
CA ILE A 250 -12.49 30.50 -38.08
C ILE A 250 -11.69 31.77 -38.34
N GLY A 251 -12.22 32.89 -37.87
CA GLY A 251 -11.63 34.20 -38.04
C GLY A 251 -11.36 34.86 -36.70
N ASN A 252 -12.35 35.55 -36.14
CA ASN A 252 -12.19 36.18 -34.83
C ASN A 252 -12.23 35.25 -33.64
N GLU A 253 -12.67 34.00 -33.88
CA GLU A 253 -12.68 32.99 -32.81
C GLU A 253 -11.26 32.79 -32.32
N ARG A 254 -10.30 32.95 -33.22
CA ARG A 254 -8.89 32.72 -32.92
C ARG A 254 -8.36 33.50 -31.71
N PHE A 255 -8.83 34.72 -31.51
CA PHE A 255 -8.40 35.50 -30.34
C PHE A 255 -9.50 35.73 -29.30
N ARG A 256 -10.76 35.56 -29.70
CA ARG A 256 -11.86 35.75 -28.76
C ARG A 256 -11.80 34.71 -27.66
N CYS A 257 -11.34 33.52 -28.01
CA CYS A 257 -11.19 32.45 -27.03
C CYS A 257 -10.15 32.79 -25.91
N PRO A 258 -8.88 33.02 -26.26
CA PRO A 258 -7.81 33.36 -25.28
C PRO A 258 -7.97 34.68 -24.49
N GLU A 259 -8.71 35.66 -25.03
CA GLU A 259 -9.01 36.94 -24.35
C GLU A 259 -9.66 36.78 -22.97
N THR A 260 -10.47 35.73 -22.87
CA THR A 260 -11.03 35.31 -21.59
C THR A 260 -9.99 35.31 -20.46
N LEU A 261 -8.71 35.06 -20.75
CA LEU A 261 -7.71 35.24 -19.68
C LEU A 261 -7.74 36.66 -19.12
N PHE A 262 -7.74 37.66 -20.00
CA PHE A 262 -7.77 39.05 -19.54
C PHE A 262 -9.17 39.55 -19.18
N GLN A 263 -10.21 39.03 -19.85
CA GLN A 263 -11.62 39.43 -19.59
C GLN A 263 -12.59 38.24 -19.31
N PRO A 264 -12.46 37.59 -18.13
CA PRO A 264 -13.08 36.30 -17.81
C PRO A 264 -14.62 36.28 -17.95
N SER A 265 -15.26 37.45 -17.87
CA SER A 265 -16.73 37.51 -17.96
C SER A 265 -17.22 37.01 -19.32
N PHE A 266 -16.31 36.48 -20.14
CA PHE A 266 -16.66 35.85 -21.41
C PHE A 266 -17.23 34.42 -21.14
N ILE A 267 -17.12 33.96 -19.91
CA ILE A 267 -17.71 32.69 -19.51
C ILE A 267 -18.55 32.88 -18.26
N GLY A 268 -18.73 34.15 -17.88
CA GLY A 268 -19.58 34.52 -16.74
C GLY A 268 -18.92 34.69 -15.36
N MET A 269 -17.58 34.78 -15.33
CA MET A 269 -16.86 34.98 -14.05
C MET A 269 -16.78 36.42 -13.60
N GLU A 270 -16.41 36.58 -12.33
CA GLU A 270 -16.22 37.89 -11.68
C GLU A 270 -14.74 38.29 -11.59
N SER A 271 -13.84 37.35 -11.80
CA SER A 271 -12.40 37.63 -11.80
C SER A 271 -11.97 38.73 -12.76
N ALA A 272 -10.99 39.49 -12.31
CA ALA A 272 -10.20 40.31 -13.19
C ALA A 272 -9.24 39.37 -13.92
N GLY A 273 -8.66 39.89 -14.99
CA GLY A 273 -7.88 39.07 -15.89
C GLY A 273 -6.51 38.84 -15.36
N ILE A 274 -5.75 38.01 -16.05
CA ILE A 274 -4.43 37.65 -15.58
C ILE A 274 -3.48 38.87 -15.46
N HIS A 275 -3.95 40.05 -15.84
CA HIS A 275 -3.06 41.21 -15.86
C HIS A 275 -3.26 42.07 -14.63
N GLU A 276 -4.52 42.19 -14.18
CA GLU A 276 -4.78 42.85 -12.91
C GLU A 276 -4.32 41.98 -11.76
N THR A 277 -4.56 40.67 -11.86
CA THR A 277 -4.14 39.77 -10.78
C THR A 277 -2.63 39.74 -10.72
N THR A 278 -1.96 40.09 -11.81
CA THR A 278 -0.51 40.20 -11.83
C THR A 278 -0.11 41.50 -11.16
N TYR A 279 -0.89 42.54 -11.42
CA TYR A 279 -0.68 43.76 -10.72
C TYR A 279 -0.98 43.65 -9.21
N ASN A 280 -2.09 43.02 -8.84
CA ASN A 280 -2.43 42.99 -7.40
C ASN A 280 -1.36 42.19 -6.64
N SER A 281 -0.99 41.07 -7.23
CA SER A 281 -0.09 40.13 -6.64
C SER A 281 1.31 40.73 -6.45
N ILE A 282 1.60 41.79 -7.21
CA ILE A 282 2.80 42.59 -7.03
C ILE A 282 2.62 43.62 -5.92
N MET A 283 1.46 44.24 -5.84
CA MET A 283 1.24 45.30 -4.85
C MET A 283 0.85 44.79 -3.45
N LYS A 284 0.78 43.48 -3.26
CA LYS A 284 0.63 42.91 -1.92
C LYS A 284 2.03 42.50 -1.43
N CYS A 285 3.05 42.93 -2.16
CA CYS A 285 4.43 42.64 -1.78
C CYS A 285 5.17 43.84 -1.22
N ASP A 286 6.19 43.56 -0.41
CA ASP A 286 7.15 44.55 0.09
C ASP A 286 7.37 45.54 -1.03
N ILE A 287 7.13 46.81 -0.74
CA ILE A 287 7.36 47.89 -1.72
C ILE A 287 8.76 47.89 -2.36
N ASP A 288 9.78 47.44 -1.63
CA ASP A 288 11.15 47.50 -2.12
C ASP A 288 11.56 46.30 -2.99
N ILE A 289 10.76 45.24 -3.00
CA ILE A 289 11.05 44.12 -3.87
C ILE A 289 10.28 44.24 -5.18
N ARG A 290 9.31 45.14 -5.21
CA ARG A 290 8.43 45.25 -6.36
C ARG A 290 9.19 45.37 -7.67
N LYS A 291 10.06 46.38 -7.79
CA LYS A 291 10.88 46.53 -9.00
C LYS A 291 11.43 45.20 -9.53
N ASP A 292 11.96 44.36 -8.63
CA ASP A 292 12.47 43.04 -9.04
C ASP A 292 11.39 42.12 -9.60
N LEU A 293 10.14 42.29 -9.16
CA LEU A 293 9.08 41.43 -9.68
C LEU A 293 8.80 41.87 -11.12
N TYR A 294 8.46 43.14 -11.30
CA TYR A 294 8.22 43.73 -12.63
C TYR A 294 9.22 43.32 -13.74
N ALA A 295 10.50 43.23 -13.41
CA ALA A 295 11.50 42.86 -14.41
C ALA A 295 11.66 41.34 -14.53
N ASN A 296 10.98 40.60 -13.68
CA ASN A 296 11.16 39.17 -13.67
C ASN A 296 9.77 38.49 -13.69
N ASN A 297 9.04 38.73 -14.75
CA ASN A 297 7.69 38.22 -14.81
C ASN A 297 7.72 37.10 -15.81
N VAL A 298 8.04 35.91 -15.30
CA VAL A 298 8.19 34.70 -16.10
C VAL A 298 6.83 33.99 -16.26
N MET A 299 6.61 33.36 -17.41
CA MET A 299 5.35 32.67 -17.66
C MET A 299 5.56 31.18 -17.87
N SER A 300 4.57 30.38 -17.52
CA SER A 300 4.72 28.94 -17.60
C SER A 300 3.37 28.17 -17.69
N GLY A 301 3.39 27.04 -18.35
CA GLY A 301 2.20 26.20 -18.53
C GLY A 301 1.74 26.19 -19.97
N GLY A 302 1.03 25.14 -20.38
CA GLY A 302 0.57 25.00 -21.78
C GLY A 302 -0.35 26.14 -22.19
N THR A 303 -1.20 26.54 -21.26
CA THR A 303 -2.13 27.62 -21.50
C THR A 303 -1.48 29.02 -21.57
N THR A 304 -0.16 29.10 -21.38
CA THR A 304 0.53 30.38 -21.64
C THR A 304 1.25 30.25 -22.96
N MET A 305 0.99 29.15 -23.64
CA MET A 305 1.62 28.85 -24.94
C MET A 305 1.12 29.73 -26.08
N TYR A 306 -0.06 30.34 -25.92
CA TYR A 306 -0.59 31.23 -26.95
C TYR A 306 0.40 32.27 -27.45
N PRO A 307 0.47 32.46 -28.77
CA PRO A 307 1.27 33.54 -29.34
C PRO A 307 0.65 34.87 -28.94
N GLY A 308 1.48 35.90 -28.79
CA GLY A 308 1.08 37.24 -28.39
C GLY A 308 0.67 37.45 -26.94
N ILE A 309 0.90 36.48 -26.08
CA ILE A 309 0.49 36.66 -24.66
C ILE A 309 1.46 37.56 -23.86
N ALA A 310 2.76 37.31 -23.99
CA ALA A 310 3.77 38.06 -23.25
C ALA A 310 3.81 39.47 -23.78
N ASP A 311 3.32 39.65 -25.01
CA ASP A 311 3.25 40.96 -25.63
C ASP A 311 2.09 41.73 -25.02
N ARG A 312 0.93 41.08 -24.95
CA ARG A 312 -0.25 41.72 -24.39
C ARG A 312 -0.11 41.93 -22.90
N MET A 313 0.54 41.00 -22.20
CA MET A 313 0.86 41.23 -20.79
C MET A 313 1.73 42.47 -20.58
N GLN A 314 2.86 42.53 -21.27
CA GLN A 314 3.72 43.72 -21.26
C GLN A 314 2.92 45.01 -21.36
N LYS A 315 2.11 45.10 -22.42
CA LYS A 315 1.27 46.28 -22.62
C LYS A 315 0.36 46.52 -21.40
N GLU A 316 -0.31 45.49 -20.90
CA GLU A 316 -1.28 45.74 -19.80
C GLU A 316 -0.60 46.17 -18.50
N ILE A 317 0.55 45.59 -18.18
CA ILE A 317 1.28 45.96 -16.97
C ILE A 317 1.95 47.34 -17.09
N THR A 318 2.59 47.60 -18.23
CA THR A 318 3.18 48.89 -18.47
C THR A 318 2.17 49.96 -18.07
N ALA A 319 0.93 49.78 -18.54
CA ALA A 319 -0.17 50.75 -18.33
C ALA A 319 -0.65 50.80 -16.87
N LEU A 320 -0.40 49.73 -16.12
CA LEU A 320 -0.79 49.67 -14.70
C LEU A 320 0.34 50.15 -13.81
N ALA A 321 1.57 49.94 -14.27
CA ALA A 321 2.78 50.26 -13.53
C ALA A 321 3.32 51.63 -13.88
N PRO A 322 3.83 52.37 -12.88
CA PRO A 322 4.34 53.73 -13.08
C PRO A 322 5.14 53.87 -14.37
N SER A 323 5.08 55.03 -15.01
CA SER A 323 5.52 55.16 -16.40
C SER A 323 6.98 54.81 -16.70
N THR A 324 7.84 54.76 -15.68
CA THR A 324 9.28 54.57 -15.91
C THR A 324 9.79 53.18 -15.56
N MET A 325 8.97 52.46 -14.79
CA MET A 325 9.25 51.09 -14.38
C MET A 325 9.68 50.23 -15.55
N LYS A 326 10.91 49.74 -15.53
CA LYS A 326 11.28 48.69 -16.48
C LYS A 326 10.44 47.44 -16.27
N ILE A 327 9.76 47.01 -17.32
CA ILE A 327 8.95 45.80 -17.26
C ILE A 327 9.46 44.82 -18.30
N LYS A 328 9.83 43.64 -17.83
CA LYS A 328 10.29 42.57 -18.70
C LYS A 328 9.42 41.35 -18.43
N ILE A 329 8.87 40.78 -19.51
CA ILE A 329 8.09 39.56 -19.44
C ILE A 329 8.91 38.46 -20.10
N ILE A 330 9.10 37.35 -19.41
CA ILE A 330 9.88 36.28 -19.95
C ILE A 330 8.93 35.14 -20.25
N ALA A 331 9.01 34.65 -21.49
CA ALA A 331 8.14 33.56 -21.95
C ALA A 331 8.99 32.50 -22.64
N PRO A 332 9.73 31.69 -21.86
CA PRO A 332 10.75 30.76 -22.36
C PRO A 332 10.09 29.84 -23.37
N PRO A 333 10.77 29.54 -24.50
CA PRO A 333 10.03 28.81 -25.56
C PRO A 333 9.57 27.43 -25.11
N GLU A 334 10.26 26.86 -24.12
CA GLU A 334 9.86 25.58 -23.48
C GLU A 334 9.05 25.72 -22.18
N ARG A 335 8.26 26.79 -22.08
CA ARG A 335 7.54 27.13 -20.85
C ARG A 335 6.52 26.06 -20.43
N LYS A 336 6.25 25.11 -21.33
CA LYS A 336 5.20 24.11 -21.10
C LYS A 336 5.63 23.02 -20.13
N TYR A 337 6.92 23.01 -19.82
CA TYR A 337 7.54 21.91 -19.13
C TYR A 337 8.45 22.45 -18.03
N SER A 338 8.53 23.77 -17.95
CA SER A 338 9.41 24.46 -16.98
C SER A 338 9.24 23.99 -15.56
N VAL A 339 8.00 23.67 -15.19
CA VAL A 339 7.75 23.16 -13.87
C VAL A 339 8.67 21.97 -13.68
N TRP A 340 8.51 20.98 -14.54
CA TRP A 340 9.28 19.74 -14.49
C TRP A 340 10.77 19.97 -14.69
N ILE A 341 11.11 20.84 -15.64
CA ILE A 341 12.50 21.20 -15.96
C ILE A 341 13.20 21.82 -14.73
N GLY A 342 12.50 22.67 -14.00
CA GLY A 342 13.02 23.19 -12.74
C GLY A 342 13.21 22.10 -11.70
N GLY A 343 12.36 21.08 -11.73
CA GLY A 343 12.38 20.05 -10.67
C GLY A 343 13.45 19.03 -10.97
N SER A 344 13.70 18.86 -12.27
CA SER A 344 14.81 18.08 -12.75
C SER A 344 16.14 18.71 -12.37
N ILE A 345 16.24 20.03 -12.54
CA ILE A 345 17.49 20.70 -12.27
C ILE A 345 17.68 20.70 -10.77
N LEU A 346 16.71 21.25 -10.04
CA LEU A 346 16.78 21.31 -8.58
C LEU A 346 17.32 20.01 -7.97
N ALA A 347 16.68 18.89 -8.30
CA ALA A 347 16.90 17.58 -7.62
C ALA A 347 18.25 16.89 -7.85
N SER A 348 19.06 17.41 -8.77
CA SER A 348 20.38 16.85 -9.08
C SER A 348 21.56 17.71 -8.59
N LEU A 349 21.34 19.01 -8.40
CA LEU A 349 22.40 19.87 -7.94
C LEU A 349 23.05 19.23 -6.70
N SER A 350 24.33 19.49 -6.47
CA SER A 350 24.98 18.87 -5.34
C SER A 350 24.47 19.46 -4.01
N THR A 351 24.08 20.72 -4.06
CA THR A 351 23.78 21.44 -2.83
C THR A 351 22.36 21.23 -2.34
N PHE A 352 21.58 20.43 -3.05
CA PHE A 352 20.21 20.15 -2.66
C PHE A 352 20.08 18.80 -1.94
N GLN A 353 21.10 17.97 -2.12
CA GLN A 353 21.00 16.58 -1.76
C GLN A 353 20.71 16.39 -0.28
N GLN A 354 21.10 17.35 0.56
CA GLN A 354 20.83 17.21 1.98
C GLN A 354 19.56 17.94 2.41
N MET A 355 18.77 18.35 1.41
CA MET A 355 17.42 18.85 1.67
C MET A 355 16.37 17.74 1.70
N TRP A 356 16.62 16.65 0.98
CA TRP A 356 15.66 15.54 0.93
C TRP A 356 15.25 15.14 2.32
N ILE A 357 13.95 14.98 2.53
CA ILE A 357 13.47 14.24 3.70
C ILE A 357 13.87 12.80 3.46
N THR A 358 14.66 12.28 4.37
CA THR A 358 15.01 10.87 4.37
C THR A 358 13.90 10.04 5.05
N LYS A 359 13.88 8.73 4.79
CA LYS A 359 12.92 7.85 5.48
C LYS A 359 13.03 7.91 7.02
N GLN A 360 14.26 7.99 7.53
CA GLN A 360 14.54 7.93 8.97
C GLN A 360 14.17 9.21 9.72
N GLU A 361 14.34 10.35 9.04
CA GLU A 361 13.85 11.61 9.55
C GLU A 361 12.34 11.48 9.70
N TYR A 362 11.71 10.94 8.65
CA TYR A 362 10.28 10.66 8.64
C TYR A 362 9.84 9.67 9.74
N ASP A 363 10.59 8.59 9.91
CA ASP A 363 10.25 7.60 10.92
C ASP A 363 10.27 8.22 12.30
N GLU A 364 11.26 9.11 12.53
CA GLU A 364 11.38 9.81 13.80
C GLU A 364 10.54 11.10 13.96
N ALA A 365 10.11 11.70 12.85
CA ALA A 365 9.38 12.97 12.92
C ALA A 365 7.90 12.92 12.48
N GLY A 366 7.58 12.09 11.50
CA GLY A 366 6.22 12.03 10.97
C GLY A 366 5.97 12.90 9.75
N PRO A 367 4.75 12.83 9.20
CA PRO A 367 4.43 13.58 7.98
C PRO A 367 4.51 15.10 8.17
N SER A 368 4.42 15.54 9.42
CA SER A 368 4.50 16.96 9.78
C SER A 368 5.89 17.56 9.60
N ILE A 369 6.83 16.74 9.17
CA ILE A 369 8.20 17.18 9.00
C ILE A 369 8.26 17.96 7.69
N VAL A 370 7.29 17.64 6.83
CA VAL A 370 7.29 18.23 5.51
C VAL A 370 7.24 19.76 5.61
N HIS A 371 6.72 20.27 6.72
CA HIS A 371 6.66 21.72 6.97
C HIS A 371 8.03 22.37 7.32
N PRO B 10 20.67 29.28 7.53
CA PRO B 10 21.29 30.53 7.09
C PRO B 10 22.57 30.30 6.26
N LYS B 11 22.74 29.07 5.77
CA LYS B 11 23.92 28.68 4.99
C LYS B 11 23.49 27.91 3.74
N VAL B 12 22.49 27.04 3.94
CA VAL B 12 21.95 26.18 2.89
C VAL B 12 21.43 26.97 1.67
N ALA B 13 20.74 28.10 1.91
CA ALA B 13 20.21 28.90 0.81
C ALA B 13 21.28 29.35 -0.18
N GLU B 14 22.25 30.14 0.29
CA GLU B 14 23.17 30.87 -0.60
C GLU B 14 23.90 30.01 -1.65
N ASN B 15 24.35 28.83 -1.25
CA ASN B 15 24.99 27.92 -2.21
C ASN B 15 23.97 27.37 -3.22
N LEU B 16 22.76 27.09 -2.76
CA LEU B 16 21.72 26.57 -3.65
C LEU B 16 21.30 27.66 -4.61
N LYS B 17 21.15 28.88 -4.08
CA LYS B 17 20.89 30.04 -4.94
C LYS B 17 21.92 30.15 -6.04
N SER B 18 23.19 30.00 -5.67
CA SER B 18 24.26 30.11 -6.64
C SER B 18 24.21 29.04 -7.72
N GLN B 19 24.07 27.77 -7.33
CA GLN B 19 23.96 26.69 -8.32
C GLN B 19 22.73 26.89 -9.19
N LEU B 20 21.65 27.37 -8.60
CA LEU B 20 20.40 27.57 -9.32
C LEU B 20 20.45 28.67 -10.38
N GLU B 21 21.06 29.79 -10.01
CA GLU B 21 21.14 30.95 -10.90
C GLU B 21 22.24 30.79 -11.95
N GLY B 22 23.23 29.96 -11.65
CA GLY B 22 24.42 29.82 -12.50
C GLY B 22 24.30 28.68 -13.51
N PHE B 23 23.38 27.77 -13.20
CA PHE B 23 23.18 26.56 -13.96
C PHE B 23 23.09 26.78 -15.46
N ASP B 24 23.84 25.97 -16.20
CA ASP B 24 23.67 25.93 -17.64
C ASP B 24 22.79 24.74 -18.02
N LYS B 25 21.65 25.01 -18.65
CA LYS B 25 20.66 23.95 -18.95
C LYS B 25 21.18 23.01 -20.00
N SER B 26 21.98 23.57 -20.89
CA SER B 26 22.83 22.82 -21.79
C SER B 26 23.43 21.56 -21.15
N LYS B 27 23.54 21.54 -19.81
CA LYS B 27 24.11 20.41 -19.08
C LYS B 27 23.14 19.21 -18.93
N LEU B 28 21.87 19.44 -19.24
CA LEU B 28 20.86 18.40 -19.07
C LEU B 28 20.88 17.42 -20.25
N LYS B 29 20.87 16.12 -19.94
CA LYS B 29 20.85 15.07 -20.97
C LYS B 29 19.56 15.11 -21.78
N LYS B 30 19.50 14.34 -22.87
CA LYS B 30 18.39 14.48 -23.82
C LYS B 30 17.33 13.37 -23.79
N THR C 6 17.75 -14.62 0.45
CA THR C 6 17.14 -15.66 1.35
C THR C 6 15.63 -15.53 1.52
N ALA C 7 14.91 -16.59 1.19
CA ALA C 7 13.46 -16.63 1.30
C ALA C 7 12.99 -16.45 2.74
N LEU C 8 11.73 -16.01 2.88
CA LEU C 8 11.11 -15.81 4.19
C LEU C 8 9.89 -16.74 4.38
N VAL C 9 9.70 -17.20 5.62
CA VAL C 9 8.57 -18.02 6.03
C VAL C 9 7.76 -17.34 7.16
N CYS C 10 6.49 -17.06 6.87
CA CYS C 10 5.60 -16.47 7.86
C CYS C 10 4.44 -17.41 8.20
N ASP C 11 4.37 -17.86 9.44
CA ASP C 11 3.27 -18.68 9.86
C ASP C 11 2.29 -17.84 10.66
N ASN C 12 1.20 -17.44 10.03
CA ASN C 12 0.14 -16.66 10.66
C ASN C 12 -0.76 -17.42 11.64
N GLY C 13 -0.38 -17.49 12.92
CA GLY C 13 -1.14 -18.28 13.90
C GLY C 13 -2.37 -17.55 14.39
N SER C 14 -3.32 -18.29 14.98
CA SER C 14 -4.61 -17.70 15.44
C SER C 14 -4.49 -16.80 16.66
N GLY C 15 -3.40 -16.98 17.40
CA GLY C 15 -3.05 -16.07 18.46
C GLY C 15 -1.63 -15.51 18.33
N LEU C 16 -0.69 -16.33 17.85
CA LEU C 16 0.71 -15.90 17.68
C LEU C 16 1.16 -15.93 16.22
N VAL C 17 2.01 -14.97 15.85
CA VAL C 17 2.69 -15.06 14.57
C VAL C 17 4.06 -15.66 14.77
N LYS C 18 4.42 -16.61 13.88
CA LYS C 18 5.80 -17.10 13.83
C LYS C 18 6.41 -16.66 12.49
N ALA C 19 7.53 -15.92 12.54
CA ALA C 19 8.15 -15.41 11.31
C ALA C 19 9.66 -15.51 11.33
N GLY C 20 10.23 -15.90 10.19
CA GLY C 20 11.67 -15.94 9.98
C GLY C 20 12.11 -16.19 8.53
N PHE C 21 13.30 -16.77 8.42
CA PHE C 21 13.93 -17.02 7.13
C PHE C 21 14.05 -18.50 6.96
N ALA C 22 13.82 -18.94 5.73
CA ALA C 22 14.04 -20.31 5.38
C ALA C 22 15.53 -20.58 5.50
N GLY C 23 15.86 -21.73 6.09
CA GLY C 23 17.24 -22.11 6.32
C GLY C 23 17.59 -22.13 7.79
N ASP C 24 16.75 -21.45 8.60
CA ASP C 24 16.88 -21.39 10.07
C ASP C 24 16.23 -22.57 10.82
N ASP C 25 16.63 -22.73 12.08
CA ASP C 25 16.13 -23.81 12.92
C ASP C 25 14.75 -23.50 13.52
N ALA C 26 14.45 -22.20 13.61
CA ALA C 26 13.34 -21.70 14.43
C ALA C 26 12.93 -20.30 13.96
N PRO C 27 11.66 -19.91 14.17
CA PRO C 27 11.26 -18.60 13.68
C PRO C 27 12.08 -17.57 14.42
N ARG C 28 12.42 -16.45 13.77
CA ARG C 28 13.26 -15.48 14.44
C ARG C 28 12.40 -14.60 15.33
N ALA C 29 11.11 -14.48 14.97
CA ALA C 29 10.18 -13.70 15.78
C ALA C 29 8.87 -14.44 16.07
N VAL C 30 8.37 -14.25 17.30
CA VAL C 30 7.09 -14.79 17.73
C VAL C 30 6.39 -13.79 18.65
N PHE C 31 5.24 -13.29 18.18
CA PHE C 31 4.46 -12.28 18.87
C PHE C 31 2.96 -12.52 18.65
N PRO C 32 2.11 -11.96 19.52
CA PRO C 32 0.68 -12.21 19.34
C PRO C 32 0.07 -11.48 18.14
N SER C 33 -0.88 -12.14 17.48
CA SER C 33 -1.63 -11.58 16.34
C SER C 33 -2.66 -10.54 16.76
N ILE C 34 -2.28 -9.62 17.64
CA ILE C 34 -3.16 -8.51 18.04
C ILE C 34 -2.73 -7.20 17.36
N VAL C 35 -3.70 -6.50 16.80
CA VAL C 35 -3.46 -5.13 16.34
C VAL C 35 -4.24 -4.13 17.18
N GLY C 36 -3.55 -3.06 17.57
CA GLY C 36 -4.08 -2.09 18.52
C GLY C 36 -4.35 -0.74 17.91
N ARG C 37 -5.57 -0.26 18.14
CA ARG C 37 -5.99 1.04 17.64
C ARG C 37 -6.27 1.99 18.81
N PRO C 38 -6.00 3.30 18.62
CA PRO C 38 -6.24 4.30 19.67
C PRO C 38 -7.73 4.62 19.84
N ARG C 39 -8.22 4.57 21.09
CA ARG C 39 -9.64 4.70 21.37
C ARG C 39 -10.20 6.10 21.07
N HIS C 40 -9.54 7.13 21.57
CA HIS C 40 -10.03 8.50 21.42
C HIS C 40 -9.46 9.21 20.21
N GLN C 41 -9.84 10.48 20.04
CA GLN C 41 -9.27 11.40 19.06
C GLN C 41 -8.98 10.74 17.70
N ASP C 51 -0.64 5.57 14.62
CA ASP C 51 -2.06 5.28 14.72
C ASP C 51 -2.38 3.77 14.66
N SER C 52 -1.42 2.93 15.04
CA SER C 52 -1.64 1.49 15.13
C SER C 52 -0.50 0.76 15.84
N TYR C 53 -0.87 -0.11 16.77
CA TYR C 53 0.09 -0.98 17.44
C TYR C 53 -0.21 -2.45 17.15
N VAL C 54 0.85 -3.27 17.17
CA VAL C 54 0.77 -4.70 16.89
C VAL C 54 1.72 -5.46 17.81
N GLY C 55 1.42 -6.74 18.06
CA GLY C 55 2.30 -7.62 18.83
C GLY C 55 2.32 -7.36 20.31
N ASP C 56 3.46 -7.63 20.95
CA ASP C 56 3.64 -7.39 22.38
C ASP C 56 3.40 -5.94 22.73
N GLU C 57 3.84 -5.04 21.85
CA GLU C 57 3.65 -3.61 22.04
C GLU C 57 2.18 -3.17 21.94
N ALA C 58 1.37 -3.94 21.22
CA ALA C 58 -0.06 -3.68 21.18
C ALA C 58 -0.69 -4.08 22.52
N GLN C 59 -0.10 -5.10 23.14
CA GLN C 59 -0.50 -5.54 24.46
C GLN C 59 0.06 -4.59 25.52
N SER C 60 1.28 -4.13 25.31
CA SER C 60 1.96 -3.21 26.23
C SER C 60 1.31 -1.83 26.29
N LYS C 61 0.21 -1.66 25.55
CA LYS C 61 -0.57 -0.42 25.57
C LYS C 61 -2.09 -0.65 25.59
N ARG C 62 -2.51 -1.87 25.91
CA ARG C 62 -3.92 -2.27 25.93
C ARG C 62 -4.95 -1.21 26.39
N GLY C 63 -5.02 -0.98 27.69
CA GLY C 63 -5.96 0.02 28.26
C GLY C 63 -6.16 1.28 27.41
N ILE C 64 -5.15 1.65 26.64
CA ILE C 64 -5.26 2.85 25.79
C ILE C 64 -5.55 2.50 24.34
N LEU C 65 -5.97 1.25 24.10
CA LEU C 65 -6.22 0.76 22.73
C LEU C 65 -7.50 -0.05 22.59
N THR C 66 -7.97 -0.19 21.36
CA THR C 66 -8.96 -1.20 21.02
C THR C 66 -8.19 -2.36 20.38
N LEU C 67 -8.32 -3.55 20.97
CA LEU C 67 -7.56 -4.72 20.54
C LEU C 67 -8.29 -5.56 19.47
N LYS C 68 -7.72 -5.62 18.28
CA LYS C 68 -8.27 -6.42 17.19
C LYS C 68 -7.43 -7.65 16.92
N TYR C 69 -8.10 -8.80 16.88
CA TYR C 69 -7.49 -10.04 16.44
C TYR C 69 -7.95 -10.33 15.00
N PRO C 70 -7.05 -10.14 14.01
CA PRO C 70 -7.35 -10.28 12.57
C PRO C 70 -7.60 -11.71 12.06
N ILE C 71 -7.10 -12.71 12.77
CA ILE C 71 -7.21 -14.11 12.33
C ILE C 71 -8.16 -14.94 13.23
N GLU C 72 -9.45 -14.74 13.01
CA GLU C 72 -10.50 -15.51 13.65
C GLU C 72 -10.52 -16.93 13.13
N HIS C 73 -10.36 -17.88 14.05
CA HIS C 73 -10.56 -19.28 13.74
C HIS C 73 -9.70 -19.69 12.53
N GLY C 74 -8.48 -19.18 12.50
CA GLY C 74 -7.47 -19.58 11.52
C GLY C 74 -7.57 -18.93 10.15
N ILE C 75 -8.75 -18.37 9.86
CA ILE C 75 -9.01 -17.66 8.61
C ILE C 75 -8.84 -16.16 8.89
N ILE C 76 -8.33 -15.41 7.91
CA ILE C 76 -8.16 -13.97 8.05
C ILE C 76 -9.50 -13.36 7.69
N THR C 77 -9.97 -12.43 8.50
CA THR C 77 -11.24 -11.79 8.25
C THR C 77 -11.14 -10.24 8.25
N ASN C 78 -10.02 -9.70 8.73
CA ASN C 78 -9.77 -8.26 8.64
C ASN C 78 -8.53 -7.94 7.82
N TRP C 79 -8.73 -7.59 6.57
CA TRP C 79 -7.59 -7.39 5.68
C TRP C 79 -6.80 -6.11 5.96
N ASP C 80 -7.48 -5.08 6.48
CA ASP C 80 -6.81 -3.83 6.81
C ASP C 80 -5.88 -4.08 8.00
N ASP C 81 -6.41 -4.75 9.01
CA ASP C 81 -5.65 -5.06 10.22
C ASP C 81 -4.64 -6.16 10.00
N MET C 82 -4.94 -7.06 9.06
CA MET C 82 -3.96 -8.04 8.62
C MET C 82 -2.76 -7.38 7.92
N GLU C 83 -3.00 -6.41 7.05
CA GLU C 83 -1.91 -5.69 6.37
C GLU C 83 -0.83 -5.13 7.33
N LYS C 84 -1.29 -4.58 8.45
CA LYS C 84 -0.39 -4.05 9.47
C LYS C 84 0.50 -5.15 10.03
N ILE C 85 -0.12 -6.30 10.32
CA ILE C 85 0.57 -7.45 10.93
C ILE C 85 1.79 -7.84 10.14
N TRP C 86 1.63 -7.90 8.82
CA TRP C 86 2.70 -8.32 7.93
C TRP C 86 3.75 -7.23 7.82
N HIS C 87 3.30 -5.98 7.71
CA HIS C 87 4.21 -4.84 7.77
C HIS C 87 5.09 -4.95 9.03
N HIS C 88 4.46 -4.84 10.20
CA HIS C 88 5.17 -4.84 11.46
C HIS C 88 6.18 -5.96 11.45
N THR C 89 5.80 -7.07 10.82
CA THR C 89 6.62 -8.27 10.80
C THR C 89 7.84 -8.06 9.90
N PHE C 90 7.62 -7.70 8.64
CA PHE C 90 8.71 -7.46 7.69
C PHE C 90 9.69 -6.40 8.20
N TYR C 91 9.16 -5.32 8.75
CA TYR C 91 9.95 -4.11 9.02
C TYR C 91 10.51 -3.97 10.42
N ASN C 92 9.66 -4.13 11.43
CA ASN C 92 10.13 -4.04 12.81
C ASN C 92 10.74 -5.36 13.25
N GLU C 93 10.03 -6.45 12.95
CA GLU C 93 10.36 -7.76 13.48
C GLU C 93 11.43 -8.50 12.68
N LEU C 94 11.22 -8.66 11.37
CA LEU C 94 12.22 -9.29 10.50
C LEU C 94 13.30 -8.33 10.01
N ARG C 95 13.03 -7.03 10.01
CA ARG C 95 14.03 -6.05 9.60
C ARG C 95 14.53 -6.32 8.17
N VAL C 96 13.61 -6.40 7.22
CA VAL C 96 13.96 -6.71 5.84
C VAL C 96 13.14 -5.88 4.86
N ALA C 97 13.53 -5.95 3.60
CA ALA C 97 12.85 -5.26 2.52
C ALA C 97 12.08 -6.28 1.69
N PRO C 98 10.76 -6.38 1.92
CA PRO C 98 9.85 -7.35 1.28
C PRO C 98 10.09 -7.49 -0.22
N GLU C 99 10.52 -6.42 -0.87
CA GLU C 99 10.78 -6.47 -2.30
C GLU C 99 12.00 -7.33 -2.61
N GLU C 100 12.83 -7.56 -1.59
CA GLU C 100 14.04 -8.38 -1.71
C GLU C 100 13.77 -9.89 -1.70
N HIS C 101 12.94 -10.34 -0.75
CA HIS C 101 12.83 -11.75 -0.40
C HIS C 101 11.53 -12.42 -0.85
N PRO C 102 11.66 -13.56 -1.57
CA PRO C 102 10.45 -14.32 -1.80
C PRO C 102 9.94 -14.82 -0.44
N THR C 103 8.66 -14.63 -0.20
CA THR C 103 8.05 -14.98 1.09
C THR C 103 7.11 -16.19 1.01
N LEU C 104 7.34 -17.16 1.89
CA LEU C 104 6.39 -18.27 2.05
C LEU C 104 5.40 -17.94 3.14
N LEU C 105 4.10 -18.07 2.80
CA LEU C 105 3.00 -17.92 3.79
C LEU C 105 2.26 -19.20 4.09
N THR C 106 1.65 -19.24 5.28
CA THR C 106 0.81 -20.36 5.68
C THR C 106 -0.68 -20.03 5.65
N GLU C 107 -1.52 -21.06 5.45
CA GLU C 107 -2.97 -20.93 5.60
C GLU C 107 -3.60 -22.10 6.40
N ALA C 108 -4.69 -21.79 7.07
CA ALA C 108 -5.42 -22.79 7.80
C ALA C 108 -6.12 -23.72 6.80
N PRO C 109 -6.23 -25.00 7.16
CA PRO C 109 -7.01 -25.89 6.29
C PRO C 109 -8.44 -25.38 6.19
N LEU C 110 -9.03 -25.54 5.00
CA LEU C 110 -10.36 -25.06 4.69
C LEU C 110 -10.37 -23.57 4.39
N ASN C 111 -9.20 -23.05 3.97
CA ASN C 111 -9.05 -21.65 3.65
C ASN C 111 -9.79 -21.28 2.37
N PRO C 112 -10.90 -20.54 2.49
CA PRO C 112 -11.71 -20.17 1.32
C PRO C 112 -10.85 -19.64 0.16
N LYS C 113 -11.35 -19.71 -1.07
CA LYS C 113 -10.51 -19.33 -2.22
C LYS C 113 -10.31 -17.83 -2.36
N ALA C 114 -11.36 -17.05 -2.24
CA ALA C 114 -11.23 -15.61 -2.34
C ALA C 114 -10.16 -15.17 -1.34
N ASN C 115 -9.88 -16.04 -0.39
CA ASN C 115 -9.01 -15.71 0.72
C ASN C 115 -7.58 -15.91 0.22
N ARG C 116 -7.38 -17.01 -0.49
CA ARG C 116 -6.13 -17.32 -1.11
C ARG C 116 -5.77 -16.21 -2.13
N GLU C 117 -6.76 -15.76 -2.88
CA GLU C 117 -6.56 -14.69 -3.88
C GLU C 117 -6.09 -13.34 -3.32
N LYS C 118 -6.67 -12.90 -2.20
CA LYS C 118 -6.34 -11.59 -1.66
C LYS C 118 -4.95 -11.60 -1.03
N MET C 119 -4.73 -12.53 -0.10
CA MET C 119 -3.41 -12.80 0.43
C MET C 119 -2.40 -12.71 -0.71
N THR C 120 -2.74 -13.35 -1.84
CA THR C 120 -1.87 -13.36 -3.01
C THR C 120 -1.63 -11.93 -3.50
N GLN C 121 -2.72 -11.18 -3.63
CA GLN C 121 -2.68 -9.82 -4.11
C GLN C 121 -1.90 -8.86 -3.18
N ILE C 122 -2.17 -8.96 -1.88
CA ILE C 122 -1.55 -8.06 -0.92
C ILE C 122 -0.03 -8.20 -0.87
N MET C 123 0.48 -9.40 -1.09
CA MET C 123 1.91 -9.57 -1.08
C MET C 123 2.56 -8.91 -2.30
N PHE C 124 1.92 -9.00 -3.46
CA PHE C 124 2.48 -8.38 -4.69
C PHE C 124 2.13 -6.91 -4.82
N GLU C 125 0.84 -6.62 -4.80
CA GLU C 125 0.33 -5.26 -5.01
C GLU C 125 0.54 -4.30 -3.84
N THR C 126 0.96 -4.82 -2.69
CA THR C 126 1.13 -3.99 -1.48
C THR C 126 2.55 -4.11 -0.93
N PHE C 127 3.09 -5.31 -1.03
CA PHE C 127 4.33 -5.65 -0.39
C PHE C 127 5.44 -5.93 -1.37
N ASN C 128 5.10 -6.02 -2.65
CA ASN C 128 6.12 -6.05 -3.69
C ASN C 128 7.14 -7.19 -3.58
N VAL C 129 6.76 -8.25 -2.88
CA VAL C 129 7.60 -9.43 -2.88
C VAL C 129 7.80 -9.79 -4.35
N PRO C 130 8.97 -10.33 -4.70
CA PRO C 130 9.08 -10.80 -6.05
C PRO C 130 8.21 -12.03 -6.19
N ALA C 131 8.38 -12.96 -5.26
CA ALA C 131 7.82 -14.29 -5.39
C ALA C 131 7.13 -14.77 -4.09
N MET C 132 6.02 -15.47 -4.24
CA MET C 132 5.24 -15.89 -3.08
C MET C 132 4.79 -17.36 -3.15
N TYR C 133 4.18 -17.83 -2.08
CA TYR C 133 3.56 -19.13 -2.07
C TYR C 133 2.71 -19.21 -0.83
N VAL C 134 1.59 -19.90 -0.94
CA VAL C 134 0.66 -20.07 0.20
C VAL C 134 0.60 -21.55 0.51
N ALA C 135 1.05 -21.96 1.70
CA ALA C 135 1.09 -23.39 2.04
C ALA C 135 0.22 -23.82 3.23
N ILE C 136 -0.62 -24.85 3.06
CA ILE C 136 -1.41 -25.32 4.21
C ILE C 136 -0.45 -25.69 5.35
N GLN C 137 -0.82 -25.27 6.57
CA GLN C 137 0.01 -25.31 7.79
C GLN C 137 0.32 -26.71 8.24
N ALA C 138 -0.74 -27.52 8.23
CA ALA C 138 -0.65 -28.87 8.74
C ALA C 138 0.21 -29.67 7.77
N VAL C 139 0.13 -29.31 6.49
CA VAL C 139 0.89 -30.03 5.48
C VAL C 139 2.37 -29.86 5.75
N LEU C 140 2.78 -28.61 5.98
CA LEU C 140 4.11 -28.29 6.37
C LEU C 140 4.55 -29.11 7.57
N SER C 141 3.70 -29.22 8.59
CA SER C 141 4.10 -29.85 9.84
C SER C 141 4.59 -31.19 9.43
N LEU C 142 3.71 -31.93 8.76
CA LEU C 142 4.02 -33.26 8.35
C LEU C 142 5.38 -33.28 7.65
N TYR C 143 5.77 -32.13 7.09
CA TYR C 143 6.98 -32.06 6.27
C TYR C 143 8.14 -32.02 7.22
N ALA C 144 8.00 -31.20 8.26
CA ALA C 144 9.06 -31.03 9.26
C ALA C 144 9.51 -32.35 9.86
N SER C 145 8.64 -33.37 9.78
CA SER C 145 8.97 -34.67 10.37
C SER C 145 9.47 -35.62 9.30
N GLY C 146 9.67 -35.08 8.10
CA GLY C 146 10.21 -35.83 6.98
C GLY C 146 9.26 -36.86 6.40
N ARG C 147 8.05 -36.43 6.02
CA ARG C 147 6.99 -37.31 5.49
C ARG C 147 6.11 -36.55 4.53
N THR C 148 5.59 -37.27 3.55
CA THR C 148 4.65 -36.65 2.63
C THR C 148 3.27 -37.27 2.85
N THR C 149 3.26 -38.48 3.40
CA THR C 149 2.03 -39.17 3.83
C THR C 149 1.99 -39.39 5.34
N GLY C 150 0.88 -38.99 5.94
CA GLY C 150 0.65 -38.98 7.38
C GLY C 150 -0.68 -38.30 7.62
N ILE C 151 -1.06 -38.18 8.90
CA ILE C 151 -2.24 -37.40 9.28
C ILE C 151 -1.87 -36.52 10.45
N VAL C 152 -2.33 -35.28 10.42
CA VAL C 152 -1.84 -34.27 11.30
C VAL C 152 -2.96 -33.82 12.17
N LEU C 153 -2.63 -33.62 13.44
CA LEU C 153 -3.55 -33.04 14.37
C LEU C 153 -2.87 -31.81 14.96
N ASP C 154 -3.36 -30.63 14.56
CA ASP C 154 -2.69 -29.34 14.74
C ASP C 154 -3.67 -28.53 15.56
N SER C 155 -3.52 -28.58 16.88
CA SER C 155 -4.41 -27.84 17.76
C SER C 155 -3.64 -26.60 18.03
N GLY C 156 -4.33 -25.45 18.00
CA GLY C 156 -3.60 -24.19 18.28
C GLY C 156 -4.28 -23.23 19.22
N ASP C 157 -4.46 -21.99 18.77
CA ASP C 157 -4.97 -20.93 19.63
C ASP C 157 -6.49 -21.00 19.73
N GLY C 158 -7.12 -20.90 18.57
CA GLY C 158 -8.56 -20.88 18.48
C GLY C 158 -9.19 -21.91 17.57
N VAL C 159 -8.42 -22.95 17.17
CA VAL C 159 -8.92 -24.00 16.27
C VAL C 159 -8.08 -25.33 16.26
N THR C 160 -8.77 -26.46 16.11
CA THR C 160 -8.14 -27.77 15.95
C THR C 160 -8.60 -28.50 14.63
N HIS C 161 -7.64 -29.06 13.88
CA HIS C 161 -7.83 -29.73 12.59
C HIS C 161 -7.17 -31.12 12.54
N ASN C 162 -7.86 -32.02 11.85
CA ASN C 162 -7.34 -33.33 11.44
C ASN C 162 -7.19 -33.43 9.95
N VAL C 163 -5.97 -33.35 9.46
CA VAL C 163 -5.72 -33.11 8.05
C VAL C 163 -5.02 -34.34 7.52
N PRO C 164 -5.81 -35.27 6.92
CA PRO C 164 -5.16 -36.40 6.29
C PRO C 164 -4.46 -35.97 5.01
N ILE C 165 -3.18 -36.31 4.90
CA ILE C 165 -2.35 -35.89 3.80
C ILE C 165 -1.83 -37.09 2.98
N TYR C 166 -1.72 -36.92 1.66
CA TYR C 166 -1.35 -38.05 0.77
C TYR C 166 -0.41 -37.61 -0.34
N GLU C 167 0.83 -38.02 -0.27
CA GLU C 167 1.75 -37.72 -1.36
C GLU C 167 2.00 -36.21 -1.50
N GLY C 168 1.87 -35.47 -0.40
CA GLY C 168 2.17 -34.05 -0.42
C GLY C 168 0.92 -33.19 -0.31
N TYR C 169 -0.24 -33.71 -0.70
CA TYR C 169 -1.44 -32.88 -0.64
C TYR C 169 -2.44 -33.39 0.39
N ALA C 170 -3.09 -32.43 1.03
CA ALA C 170 -4.22 -32.67 1.88
C ALA C 170 -5.35 -33.31 1.07
N LEU C 171 -6.23 -34.01 1.76
CA LEU C 171 -7.45 -34.54 1.20
C LEU C 171 -8.53 -33.67 1.79
N PRO C 172 -8.91 -32.61 1.07
CA PRO C 172 -9.79 -31.63 1.67
C PRO C 172 -11.08 -32.23 2.21
N HIS C 173 -11.60 -33.24 1.50
CA HIS C 173 -12.83 -33.91 1.92
C HIS C 173 -12.78 -34.59 3.30
N ALA C 174 -11.59 -34.98 3.74
CA ALA C 174 -11.54 -35.79 4.97
C ALA C 174 -11.03 -35.00 6.14
N ILE C 175 -10.86 -33.70 5.94
CA ILE C 175 -10.46 -32.79 7.01
C ILE C 175 -11.58 -32.48 8.00
N MET C 176 -11.35 -32.82 9.26
CA MET C 176 -12.28 -32.41 10.30
C MET C 176 -11.80 -31.08 10.85
N ARG C 177 -12.65 -30.48 11.68
CA ARG C 177 -12.36 -29.20 12.31
C ARG C 177 -13.03 -29.30 13.70
N LEU C 178 -12.37 -28.78 14.74
CA LEU C 178 -12.98 -28.64 16.06
C LEU C 178 -12.68 -27.22 16.49
N ASP C 179 -13.71 -26.47 16.84
CA ASP C 179 -13.56 -25.06 17.11
C ASP C 179 -13.22 -24.80 18.57
N LEU C 180 -12.12 -25.41 19.00
CA LEU C 180 -11.78 -25.53 20.39
C LEU C 180 -10.29 -25.71 20.35
N ALA C 181 -9.57 -24.89 21.11
CA ALA C 181 -8.11 -25.00 21.24
C ALA C 181 -7.59 -24.23 22.43
N GLY C 182 -6.48 -23.53 22.26
CA GLY C 182 -5.73 -22.96 23.39
C GLY C 182 -6.49 -21.97 24.27
N ARG C 183 -7.18 -21.03 23.63
CA ARG C 183 -7.82 -19.92 24.32
C ARG C 183 -9.06 -20.40 25.06
N ASP C 184 -9.58 -21.54 24.62
CA ASP C 184 -10.72 -22.15 25.30
C ASP C 184 -10.22 -22.91 26.51
N LEU C 185 -9.21 -23.76 26.31
CA LEU C 185 -8.57 -24.48 27.40
C LEU C 185 -8.18 -23.56 28.57
N THR C 186 -7.45 -22.50 28.25
CA THR C 186 -7.20 -21.42 29.18
C THR C 186 -8.48 -20.81 29.80
N ASP C 187 -9.47 -20.51 28.95
CA ASP C 187 -10.68 -19.82 29.40
C ASP C 187 -11.44 -20.66 30.40
N TYR C 188 -11.35 -21.97 30.23
CA TYR C 188 -12.06 -22.88 31.08
C TYR C 188 -11.33 -23.15 32.41
N LEU C 189 -10.00 -23.18 32.39
CA LEU C 189 -9.21 -23.17 33.63
C LEU C 189 -9.58 -21.96 34.48
N MET C 190 -9.92 -20.86 33.82
CA MET C 190 -10.36 -19.62 34.47
C MET C 190 -11.80 -19.72 35.04
N LYS C 191 -12.67 -20.48 34.41
CA LYS C 191 -14.01 -20.69 34.94
C LYS C 191 -13.98 -21.62 36.17
N ILE C 192 -13.30 -22.76 36.02
CA ILE C 192 -13.14 -23.70 37.12
C ILE C 192 -12.53 -23.11 38.39
N LEU C 193 -11.53 -22.23 38.24
CA LEU C 193 -10.80 -21.71 39.42
C LEU C 193 -11.54 -20.57 40.10
N THR C 194 -12.30 -19.83 39.29
CA THR C 194 -13.10 -18.71 39.76
C THR C 194 -14.25 -19.20 40.62
N GLU C 195 -14.70 -20.43 40.36
CA GLU C 195 -15.70 -21.07 41.21
C GLU C 195 -15.10 -21.26 42.61
N ARG C 196 -13.93 -21.88 42.68
CA ARG C 196 -13.18 -22.02 43.93
C ARG C 196 -12.97 -20.71 44.72
N GLY C 197 -13.42 -19.59 44.16
CA GLY C 197 -13.29 -18.29 44.81
C GLY C 197 -11.97 -17.58 44.52
N TYR C 198 -11.60 -17.55 43.23
CA TYR C 198 -10.35 -16.93 42.82
C TYR C 198 -10.51 -15.68 41.95
N SER C 199 -9.50 -14.81 41.99
CA SER C 199 -9.51 -13.54 41.29
C SER C 199 -8.77 -13.62 39.95
N PHE C 200 -9.53 -13.84 38.88
CA PHE C 200 -8.97 -13.85 37.52
C PHE C 200 -9.88 -13.06 36.60
N VAL C 201 -9.75 -11.73 36.64
CA VAL C 201 -10.66 -10.85 35.92
C VAL C 201 -10.07 -10.41 34.58
N THR C 202 -9.23 -9.37 34.64
CA THR C 202 -8.77 -8.64 33.46
C THR C 202 -7.83 -9.42 32.53
N THR C 203 -7.62 -8.87 31.32
CA THR C 203 -6.75 -9.47 30.30
C THR C 203 -5.32 -9.75 30.79
N ALA C 204 -4.84 -8.94 31.72
CA ALA C 204 -3.50 -9.13 32.27
C ALA C 204 -3.54 -9.88 33.61
N GLU C 205 -4.70 -10.47 33.92
CA GLU C 205 -4.86 -11.46 34.99
C GLU C 205 -5.14 -12.83 34.37
N ARG C 206 -5.64 -12.80 33.14
CA ARG C 206 -5.80 -14.00 32.32
C ARG C 206 -4.46 -14.67 31.96
N GLU C 207 -3.39 -13.88 31.93
CA GLU C 207 -2.06 -14.38 31.51
C GLU C 207 -1.38 -15.24 32.57
N ILE C 208 -1.89 -15.19 33.79
CA ILE C 208 -1.35 -16.02 34.86
C ILE C 208 -1.88 -17.44 34.72
N VAL C 209 -3.19 -17.56 34.46
CA VAL C 209 -3.86 -18.84 34.21
C VAL C 209 -3.40 -19.49 32.91
N ARG C 210 -3.07 -18.66 31.91
CA ARG C 210 -2.50 -19.12 30.64
C ARG C 210 -1.14 -19.79 30.82
N ASP C 211 -0.51 -19.55 31.97
CA ASP C 211 0.83 -20.05 32.21
C ASP C 211 0.82 -21.13 33.30
N ILE C 212 -0.16 -21.07 34.21
CA ILE C 212 -0.49 -22.23 35.04
C ILE C 212 -0.78 -23.38 34.07
N LYS C 213 -1.74 -23.17 33.18
CA LYS C 213 -2.07 -24.16 32.17
C LYS C 213 -0.80 -24.71 31.52
N GLU C 214 0.06 -23.84 31.00
CA GLU C 214 1.28 -24.34 30.34
C GLU C 214 2.26 -25.09 31.26
N LYS C 215 2.19 -24.84 32.56
CA LYS C 215 3.14 -25.47 33.51
C LYS C 215 2.62 -26.67 34.32
N LEU C 216 1.32 -26.68 34.63
CA LEU C 216 0.82 -27.71 35.52
C LEU C 216 -0.19 -28.72 34.93
N CYS C 217 -0.94 -28.29 33.89
CA CYS C 217 -1.94 -29.16 33.22
C CYS C 217 -1.28 -30.30 32.41
N TYR C 218 -1.85 -31.50 32.50
CA TYR C 218 -1.43 -32.60 31.64
C TYR C 218 -2.68 -33.29 31.14
N VAL C 219 -2.48 -34.33 30.33
CA VAL C 219 -3.55 -35.14 29.83
C VAL C 219 -3.40 -36.55 30.41
N ALA C 220 -4.49 -37.06 30.93
CA ALA C 220 -4.52 -38.31 31.65
C ALA C 220 -4.62 -39.48 30.71
N LEU C 221 -4.02 -40.61 31.05
CA LEU C 221 -4.20 -41.84 30.27
C LEU C 221 -5.68 -42.18 30.32
N ASP C 222 -6.20 -42.22 31.52
CA ASP C 222 -7.60 -42.49 31.73
C ASP C 222 -8.11 -41.53 32.77
N PHE C 223 -9.00 -40.67 32.33
CA PHE C 223 -9.63 -39.66 33.14
C PHE C 223 -10.13 -40.20 34.47
N GLU C 224 -10.99 -41.21 34.39
CA GLU C 224 -11.65 -41.71 35.59
C GLU C 224 -10.62 -42.20 36.63
N ASN C 225 -9.59 -42.91 36.16
CA ASN C 225 -8.57 -43.36 37.08
C ASN C 225 -7.81 -42.16 37.59
N GLU C 226 -7.70 -41.15 36.75
CA GLU C 226 -6.95 -39.97 37.13
C GLU C 226 -7.76 -39.21 38.17
N MET C 227 -9.08 -39.27 38.03
CA MET C 227 -9.97 -38.72 39.05
C MET C 227 -9.92 -39.51 40.37
N ALA C 228 -9.75 -40.81 40.29
CA ALA C 228 -9.75 -41.58 41.52
C ALA C 228 -8.49 -41.25 42.32
N THR C 229 -7.37 -41.07 41.63
CA THR C 229 -6.10 -40.79 42.25
C THR C 229 -6.10 -39.47 43.03
N ALA C 230 -6.36 -38.36 42.35
CA ALA C 230 -6.56 -37.09 43.02
C ALA C 230 -7.37 -37.31 44.29
N ALA C 231 -8.58 -37.84 44.12
CA ALA C 231 -9.54 -38.11 45.20
C ALA C 231 -8.94 -38.72 46.47
N SER C 232 -7.99 -39.64 46.27
CA SER C 232 -7.47 -40.48 47.34
C SER C 232 -6.01 -40.20 47.77
N SER C 233 -5.40 -39.15 47.21
CA SER C 233 -4.10 -38.73 47.71
C SER C 233 -3.78 -37.31 47.30
N SER C 234 -2.53 -36.92 47.55
CA SER C 234 -2.09 -35.57 47.28
C SER C 234 -0.95 -35.57 46.27
N SER C 235 -0.89 -36.59 45.42
CA SER C 235 0.27 -36.82 44.54
C SER C 235 0.28 -36.10 43.19
N LEU C 236 -0.81 -35.42 42.84
CA LEU C 236 -0.96 -34.81 41.51
C LEU C 236 -1.14 -33.33 41.73
N GLU C 237 -0.94 -32.95 42.97
CA GLU C 237 -1.13 -31.57 43.36
C GLU C 237 0.12 -30.70 43.26
N LYS C 238 -0.09 -29.48 42.79
CA LYS C 238 0.97 -28.52 42.60
C LYS C 238 0.50 -27.14 43.04
N SER C 239 1.36 -26.44 43.76
CA SER C 239 1.08 -25.07 44.14
C SER C 239 1.74 -24.13 43.14
N TYR C 240 1.20 -22.93 43.03
CA TYR C 240 1.69 -21.96 42.07
C TYR C 240 1.57 -20.59 42.69
N GLU C 241 2.70 -19.93 42.94
CA GLU C 241 2.67 -18.62 43.60
C GLU C 241 2.19 -17.52 42.67
N LEU C 242 1.29 -16.68 43.16
CA LEU C 242 0.71 -15.57 42.41
C LEU C 242 1.41 -14.23 42.73
N PRO C 243 1.04 -13.17 42.00
CA PRO C 243 1.71 -11.88 42.19
C PRO C 243 1.78 -11.44 43.66
N ASP C 244 0.64 -11.41 44.35
CA ASP C 244 0.57 -10.80 45.67
C ASP C 244 0.87 -11.78 46.81
N GLY C 245 1.59 -12.85 46.51
CA GLY C 245 1.99 -13.84 47.51
C GLY C 245 1.07 -15.04 47.64
N GLN C 246 -0.20 -14.87 47.26
CA GLN C 246 -1.19 -15.96 47.29
C GLN C 246 -0.71 -17.24 46.60
N VAL C 247 -0.96 -18.38 47.21
CA VAL C 247 -0.61 -19.65 46.59
C VAL C 247 -1.87 -20.50 46.34
N ILE C 248 -2.13 -20.76 45.07
CA ILE C 248 -3.28 -21.55 44.67
C ILE C 248 -2.84 -22.95 44.30
N THR C 249 -3.55 -23.96 44.79
CA THR C 249 -3.21 -25.34 44.47
C THR C 249 -4.28 -25.97 43.56
N ILE C 250 -3.84 -26.72 42.55
CA ILE C 250 -4.74 -27.54 41.76
C ILE C 250 -4.26 -28.97 41.62
N GLY C 251 -5.22 -29.89 41.62
CA GLY C 251 -4.95 -31.29 41.39
C GLY C 251 -5.73 -31.73 40.16
N ASN C 252 -6.97 -32.10 40.36
CA ASN C 252 -7.73 -32.62 39.23
C ASN C 252 -8.09 -31.57 38.16
N GLU C 253 -8.00 -30.29 38.51
CA GLU C 253 -8.13 -29.18 37.57
C GLU C 253 -7.09 -29.27 36.48
N ARG C 254 -5.96 -29.85 36.83
CA ARG C 254 -4.86 -30.00 35.89
C ARG C 254 -5.20 -30.82 34.67
N PHE C 255 -5.92 -31.91 34.85
CA PHE C 255 -6.22 -32.81 33.73
C PHE C 255 -7.68 -32.75 33.36
N ARG C 256 -8.43 -31.85 34.01
CA ARG C 256 -9.79 -31.57 33.62
C ARG C 256 -9.83 -30.51 32.52
N CYS C 257 -8.82 -29.63 32.53
CA CYS C 257 -8.75 -28.53 31.57
C CYS C 257 -8.47 -29.12 30.21
N PRO C 258 -7.33 -29.78 30.04
CA PRO C 258 -7.09 -30.38 28.73
C PRO C 258 -8.15 -31.37 28.31
N GLU C 259 -8.67 -32.11 29.29
CA GLU C 259 -9.66 -33.15 29.08
C GLU C 259 -10.84 -32.66 28.21
N THR C 260 -11.10 -31.37 28.24
CA THR C 260 -11.90 -30.70 27.22
C THR C 260 -11.71 -31.10 25.72
N LEU C 261 -10.48 -31.35 25.27
CA LEU C 261 -10.23 -31.62 23.83
C LEU C 261 -10.72 -33.00 23.47
N PHE C 262 -10.92 -33.84 24.46
CA PHE C 262 -11.38 -35.18 24.20
C PHE C 262 -12.81 -35.25 24.64
N GLN C 263 -13.26 -34.16 25.26
CA GLN C 263 -14.59 -34.10 25.83
C GLN C 263 -15.21 -32.68 25.61
N PRO C 264 -15.52 -32.34 24.36
CA PRO C 264 -16.11 -31.03 24.09
C PRO C 264 -17.42 -30.73 24.82
N SER C 265 -17.99 -31.72 25.52
CA SER C 265 -19.16 -31.52 26.38
C SER C 265 -18.77 -30.72 27.60
N PHE C 266 -17.54 -30.93 28.08
CA PHE C 266 -17.03 -30.24 29.26
C PHE C 266 -17.34 -28.75 29.25
N ILE C 267 -17.27 -28.14 28.07
CA ILE C 267 -17.44 -26.69 27.93
C ILE C 267 -18.61 -26.34 26.99
N GLY C 268 -19.60 -27.19 26.87
CA GLY C 268 -20.82 -26.83 26.16
C GLY C 268 -21.05 -27.52 24.83
N MET C 269 -19.96 -27.93 24.18
CA MET C 269 -20.00 -28.23 22.76
C MET C 269 -20.43 -29.66 22.50
N GLU C 270 -21.52 -29.83 21.77
CA GLU C 270 -22.03 -31.17 21.45
C GLU C 270 -21.15 -31.93 20.43
N SER C 271 -20.17 -31.23 19.86
CA SER C 271 -19.12 -31.82 18.98
C SER C 271 -18.49 -33.16 19.47
N ALA C 272 -17.80 -33.83 18.56
CA ALA C 272 -16.91 -34.96 18.86
C ALA C 272 -15.52 -34.48 19.25
N GLY C 273 -14.83 -35.26 20.08
CA GLY C 273 -13.53 -34.86 20.63
C GLY C 273 -12.43 -35.24 19.68
N ILE C 274 -11.19 -34.91 19.99
CA ILE C 274 -10.16 -34.97 18.95
C ILE C 274 -9.86 -36.41 18.49
N HIS C 275 -9.87 -37.36 19.42
CA HIS C 275 -9.59 -38.72 18.99
C HIS C 275 -10.69 -39.12 18.01
N GLU C 276 -11.93 -38.80 18.36
CA GLU C 276 -13.07 -39.23 17.56
C GLU C 276 -13.01 -38.58 16.15
N THR C 277 -12.51 -37.36 16.06
CA THR C 277 -12.36 -36.66 14.78
C THR C 277 -11.13 -37.14 13.97
N THR C 278 -10.06 -37.50 14.67
CA THR C 278 -8.92 -38.09 14.02
C THR C 278 -9.34 -39.35 13.35
N TYR C 279 -10.02 -40.25 14.09
CA TYR C 279 -10.52 -41.50 13.51
C TYR C 279 -11.54 -41.29 12.38
N ASN C 280 -12.58 -40.49 12.60
CA ASN C 280 -13.54 -40.15 11.52
C ASN C 280 -12.86 -39.69 10.22
N SER C 281 -11.74 -38.96 10.39
CA SER C 281 -11.00 -38.43 9.26
C SER C 281 -10.39 -39.57 8.42
N ILE C 282 -9.44 -40.29 9.02
CA ILE C 282 -8.92 -41.49 8.40
C ILE C 282 -10.02 -42.23 7.63
N MET C 283 -11.19 -42.42 8.22
CA MET C 283 -12.30 -43.17 7.59
C MET C 283 -12.79 -42.58 6.26
N LYS C 284 -12.81 -41.26 6.16
CA LYS C 284 -13.21 -40.58 4.94
C LYS C 284 -12.27 -40.87 3.74
N CYS C 285 -11.06 -41.31 4.03
CA CYS C 285 -10.02 -41.47 2.99
C CYS C 285 -10.09 -42.84 2.32
N ASP C 286 -9.53 -42.96 1.12
CA ASP C 286 -9.49 -44.23 0.38
C ASP C 286 -8.97 -45.38 1.23
N ILE C 287 -9.73 -46.49 1.24
CA ILE C 287 -9.37 -47.69 2.02
C ILE C 287 -7.89 -48.02 1.89
N ASP C 288 -7.39 -47.87 0.66
CA ASP C 288 -5.98 -48.11 0.32
C ASP C 288 -4.91 -47.26 1.04
N ILE C 289 -5.30 -46.22 1.77
CA ILE C 289 -4.31 -45.39 2.48
C ILE C 289 -4.44 -45.30 4.03
N ARG C 290 -5.51 -45.87 4.59
CA ARG C 290 -5.75 -45.84 6.03
C ARG C 290 -4.65 -46.50 6.77
N LYS C 291 -4.09 -47.54 6.15
CA LYS C 291 -2.94 -48.24 6.71
C LYS C 291 -1.74 -47.33 6.99
N ASP C 292 -1.47 -46.35 6.12
CA ASP C 292 -0.36 -45.40 6.33
C ASP C 292 -0.76 -44.25 7.25
N LEU C 293 -2.06 -43.91 7.24
CA LEU C 293 -2.57 -42.83 8.08
C LEU C 293 -2.55 -43.22 9.54
N TYR C 294 -2.88 -44.48 9.82
CA TYR C 294 -3.02 -45.02 11.18
C TYR C 294 -1.69 -45.10 11.87
N ALA C 295 -0.64 -45.18 11.05
CA ALA C 295 0.70 -45.38 11.55
C ALA C 295 1.57 -44.15 11.24
N ASN C 296 0.94 -42.98 11.16
CA ASN C 296 1.66 -41.73 10.87
C ASN C 296 0.85 -40.49 11.30
N ASN C 297 0.32 -40.55 12.51
CA ASN C 297 -0.41 -39.47 13.17
C ASN C 297 0.62 -38.52 13.77
N VAL C 298 0.64 -37.27 13.30
CA VAL C 298 1.63 -36.32 13.71
C VAL C 298 0.94 -35.17 14.46
N MET C 299 1.43 -34.85 15.65
CA MET C 299 0.79 -33.79 16.43
C MET C 299 1.52 -32.48 16.24
N SER C 300 0.78 -31.41 15.97
CA SER C 300 1.39 -30.11 15.82
C SER C 300 0.55 -29.06 16.52
N GLY C 301 1.17 -27.97 16.93
CA GLY C 301 0.53 -26.92 17.70
C GLY C 301 0.92 -26.94 19.16
N GLY C 302 0.97 -25.74 19.76
CA GLY C 302 1.22 -25.58 21.17
C GLY C 302 0.23 -26.35 22.04
N THR C 303 -1.03 -26.34 21.67
CA THR C 303 -2.02 -27.05 22.45
C THR C 303 -1.75 -28.57 22.53
N THR C 304 -0.97 -29.12 21.60
CA THR C 304 -0.60 -30.53 21.72
C THR C 304 0.61 -30.76 22.61
N MET C 305 1.00 -29.76 23.40
CA MET C 305 2.18 -29.90 24.30
C MET C 305 1.89 -30.52 25.68
N TYR C 306 0.64 -30.88 25.94
CA TYR C 306 0.31 -31.36 27.25
C TYR C 306 0.99 -32.71 27.45
N PRO C 307 1.81 -32.85 28.50
CA PRO C 307 2.41 -34.16 28.64
C PRO C 307 1.35 -35.26 28.78
N GLY C 308 1.48 -36.28 27.94
CA GLY C 308 0.64 -37.47 27.99
C GLY C 308 -0.26 -37.52 26.78
N ILE C 309 -0.44 -36.36 26.16
CA ILE C 309 -1.30 -36.29 25.01
C ILE C 309 -0.90 -37.29 23.89
N ALA C 310 0.39 -37.59 23.75
CA ALA C 310 0.80 -38.72 22.93
C ALA C 310 0.05 -39.97 23.34
N ASP C 311 0.57 -40.63 24.38
CA ASP C 311 -0.01 -41.85 24.93
C ASP C 311 -1.56 -41.88 24.99
N ARG C 312 -2.19 -40.77 25.34
CA ARG C 312 -3.65 -40.73 25.31
C ARG C 312 -4.25 -40.91 23.88
N MET C 313 -3.62 -40.37 22.87
CA MET C 313 -4.16 -40.54 21.52
C MET C 313 -3.89 -41.98 21.06
N GLN C 314 -2.77 -42.54 21.47
CA GLN C 314 -2.41 -43.88 21.06
C GLN C 314 -3.50 -44.81 21.62
N LYS C 315 -3.77 -44.69 22.92
CA LYS C 315 -4.75 -45.57 23.59
C LYS C 315 -6.16 -45.34 23.09
N GLU C 316 -6.50 -44.12 22.73
CA GLU C 316 -7.88 -43.87 22.37
C GLU C 316 -8.17 -44.37 20.94
N ILE C 317 -7.28 -44.04 20.00
CA ILE C 317 -7.39 -44.49 18.61
C ILE C 317 -7.18 -46.00 18.48
N THR C 318 -6.45 -46.60 19.41
CA THR C 318 -6.37 -48.07 19.50
C THR C 318 -7.73 -48.73 19.84
N ALA C 319 -8.66 -47.96 20.40
CA ALA C 319 -9.95 -48.53 20.80
C ALA C 319 -10.98 -48.37 19.70
N LEU C 320 -10.72 -47.47 18.75
CA LEU C 320 -11.62 -47.33 17.61
C LEU C 320 -11.09 -48.06 16.38
N ALA C 321 -9.78 -48.27 16.35
CA ALA C 321 -9.15 -48.91 15.19
C ALA C 321 -9.55 -50.38 15.08
N PRO C 322 -9.30 -51.00 13.91
CA PRO C 322 -9.37 -52.46 13.81
C PRO C 322 -8.24 -53.12 14.60
N SER C 323 -8.55 -54.19 15.34
CA SER C 323 -7.59 -54.77 16.30
C SER C 323 -6.20 -55.12 15.73
N THR C 324 -6.13 -55.34 14.42
CA THR C 324 -4.86 -55.71 13.78
C THR C 324 -4.04 -54.53 13.35
N MET C 325 -4.55 -53.32 13.59
CA MET C 325 -3.97 -52.14 12.97
C MET C 325 -2.69 -51.67 13.68
N LYS C 326 -1.84 -51.01 12.92
CA LYS C 326 -0.65 -50.41 13.45
C LYS C 326 -1.03 -48.94 13.69
N ILE C 327 -0.65 -48.41 14.83
CA ILE C 327 -0.97 -47.05 15.19
C ILE C 327 0.29 -46.44 15.77
N LYS C 328 0.55 -45.20 15.38
CA LYS C 328 1.71 -44.51 15.93
C LYS C 328 1.56 -42.98 15.96
N ILE C 329 1.81 -42.40 17.13
CA ILE C 329 1.68 -40.98 17.32
C ILE C 329 3.06 -40.40 17.35
N ILE C 330 3.26 -39.32 16.62
CA ILE C 330 4.54 -38.67 16.69
C ILE C 330 4.35 -37.28 17.29
N ALA C 331 5.18 -36.97 18.27
CA ALA C 331 5.17 -35.67 18.93
C ALA C 331 6.58 -35.15 19.19
N PRO C 332 7.17 -34.52 18.16
CA PRO C 332 8.45 -33.83 18.17
C PRO C 332 8.52 -32.72 19.24
N PRO C 333 9.63 -32.66 20.00
CA PRO C 333 9.83 -31.65 21.05
C PRO C 333 9.46 -30.24 20.57
N GLU C 334 9.72 -29.93 19.30
CA GLU C 334 9.57 -28.56 18.81
C GLU C 334 8.26 -28.34 18.06
N ARG C 335 7.21 -29.06 18.49
CA ARG C 335 5.91 -29.06 17.81
C ARG C 335 5.11 -27.77 18.02
N LYS C 336 5.58 -26.90 18.92
CA LYS C 336 4.99 -25.58 19.03
C LYS C 336 5.08 -24.92 17.67
N TYR C 337 6.21 -25.13 16.99
CA TYR C 337 6.55 -24.47 15.75
C TYR C 337 6.82 -25.52 14.68
N SER C 338 6.03 -26.58 14.68
CA SER C 338 6.06 -27.59 13.62
C SER C 338 5.86 -26.95 12.27
N VAL C 339 4.78 -26.18 12.16
CA VAL C 339 4.44 -25.54 10.90
C VAL C 339 5.56 -24.66 10.40
N TRP C 340 6.11 -23.82 11.27
CA TRP C 340 7.08 -22.84 10.85
C TRP C 340 8.31 -23.52 10.26
N ILE C 341 8.78 -24.52 10.97
CA ILE C 341 10.00 -25.21 10.65
C ILE C 341 9.83 -26.02 9.37
N GLY C 342 8.62 -26.50 9.11
CA GLY C 342 8.34 -27.30 7.90
C GLY C 342 8.45 -26.44 6.65
N GLY C 343 7.87 -25.26 6.69
CA GLY C 343 8.10 -24.30 5.66
C GLY C 343 9.58 -24.04 5.46
N SER C 344 10.34 -23.89 6.56
CA SER C 344 11.77 -23.52 6.50
C SER C 344 12.57 -24.54 5.70
N ILE C 345 12.25 -25.81 5.91
CA ILE C 345 12.67 -26.86 5.01
C ILE C 345 12.20 -26.59 3.57
N LEU C 346 10.88 -26.46 3.38
CA LEU C 346 10.34 -26.33 2.04
C LEU C 346 11.05 -25.21 1.28
N ALA C 347 10.87 -23.99 1.79
CA ALA C 347 11.33 -22.82 1.07
C ALA C 347 12.85 -22.77 0.96
N SER C 348 13.53 -23.74 1.60
CA SER C 348 14.98 -23.94 1.47
C SER C 348 15.40 -24.96 0.38
N LEU C 349 14.45 -25.77 -0.11
CA LEU C 349 14.80 -26.83 -1.06
C LEU C 349 14.94 -26.30 -2.50
N SER C 350 15.74 -26.97 -3.33
CA SER C 350 16.03 -26.52 -4.70
C SER C 350 14.93 -26.87 -5.72
N THR C 351 14.37 -28.06 -5.59
CA THR C 351 13.15 -28.43 -6.30
C THR C 351 12.02 -27.42 -6.14
N PHE C 352 12.00 -26.70 -5.02
CA PHE C 352 10.90 -25.79 -4.74
C PHE C 352 11.10 -24.45 -5.38
N GLN C 353 12.34 -24.19 -5.79
CA GLN C 353 12.71 -22.87 -6.27
C GLN C 353 12.10 -22.48 -7.60
N GLN C 354 11.37 -23.40 -8.23
CA GLN C 354 10.57 -23.03 -9.40
C GLN C 354 9.08 -23.21 -9.18
N MET C 355 8.72 -23.57 -7.95
CA MET C 355 7.31 -23.64 -7.56
C MET C 355 6.76 -22.31 -7.06
N TRP C 356 7.64 -21.39 -6.64
CA TRP C 356 7.21 -20.03 -6.32
C TRP C 356 6.25 -19.50 -7.38
N ILE C 357 5.39 -18.57 -7.00
CA ILE C 357 4.67 -17.73 -7.95
C ILE C 357 5.50 -16.48 -8.12
N THR C 358 5.98 -16.23 -9.33
CA THR C 358 6.84 -15.05 -9.54
C THR C 358 6.02 -13.77 -9.65
N LYS C 359 6.66 -12.63 -9.36
CA LYS C 359 6.04 -11.32 -9.59
C LYS C 359 5.83 -11.05 -11.08
N GLN C 360 6.25 -12.00 -11.91
CA GLN C 360 6.08 -11.96 -13.35
C GLN C 360 4.91 -12.85 -13.73
N GLU C 361 4.87 -14.05 -13.16
CA GLU C 361 3.77 -14.96 -13.38
C GLU C 361 2.49 -14.30 -12.88
N TYR C 362 2.61 -13.55 -11.77
CA TYR C 362 1.48 -12.82 -11.22
C TYR C 362 0.96 -11.75 -12.18
N ASP C 363 1.86 -10.89 -12.66
CA ASP C 363 1.46 -9.74 -13.45
C ASP C 363 0.79 -10.13 -14.78
N GLU C 364 0.65 -11.42 -15.02
CA GLU C 364 -0.09 -11.90 -16.20
C GLU C 364 -1.48 -12.41 -15.85
N ALA C 365 -1.54 -13.48 -15.06
CA ALA C 365 -2.80 -14.17 -14.77
C ALA C 365 -3.53 -13.61 -13.57
N GLY C 366 -2.78 -13.04 -12.63
CA GLY C 366 -3.38 -12.48 -11.43
C GLY C 366 -3.62 -13.48 -10.30
N PRO C 367 -4.17 -13.01 -9.18
CA PRO C 367 -4.53 -13.75 -7.96
C PRO C 367 -4.89 -15.25 -8.12
N SER C 368 -5.75 -15.58 -9.07
CA SER C 368 -6.30 -16.94 -9.21
C SER C 368 -5.26 -17.97 -9.67
N ILE C 369 -4.05 -17.49 -9.97
CA ILE C 369 -2.94 -18.36 -10.34
C ILE C 369 -2.44 -19.13 -9.12
N VAL C 370 -3.00 -18.80 -7.95
CA VAL C 370 -2.59 -19.44 -6.69
C VAL C 370 -3.05 -20.92 -6.59
N HIS C 371 -4.08 -21.27 -7.37
CA HIS C 371 -4.64 -22.62 -7.34
C HIS C 371 -3.97 -23.63 -8.32
N PRO D 10 3.54 -34.11 -12.97
CA PRO D 10 3.91 -35.51 -12.76
C PRO D 10 5.42 -35.72 -12.59
N LYS D 11 6.17 -34.61 -12.44
CA LYS D 11 7.63 -34.65 -12.33
C LYS D 11 8.10 -33.89 -11.09
N VAL D 12 7.46 -32.74 -10.86
CA VAL D 12 7.77 -31.85 -9.73
C VAL D 12 7.64 -32.52 -8.36
N ALA D 13 6.65 -33.40 -8.20
CA ALA D 13 6.46 -34.12 -6.94
C ALA D 13 7.67 -34.95 -6.54
N GLU D 14 7.98 -35.98 -7.33
CA GLU D 14 8.91 -37.03 -6.85
C GLU D 14 10.25 -36.54 -6.30
N ASN D 15 10.83 -35.55 -6.96
CA ASN D 15 12.09 -35.00 -6.50
C ASN D 15 11.89 -34.16 -5.25
N LEU D 16 10.72 -33.55 -5.11
CA LEU D 16 10.41 -32.84 -3.89
C LEU D 16 10.21 -33.84 -2.73
N LYS D 17 9.48 -34.93 -2.96
CA LYS D 17 9.32 -35.98 -1.94
C LYS D 17 10.68 -36.49 -1.46
N SER D 18 11.64 -36.48 -2.36
CA SER D 18 12.92 -37.05 -2.02
C SER D 18 13.66 -36.10 -1.09
N GLN D 19 13.73 -34.83 -1.49
CA GLN D 19 14.35 -33.83 -0.65
C GLN D 19 13.68 -33.79 0.75
N LEU D 20 12.35 -33.72 0.80
CA LEU D 20 11.66 -33.64 2.09
C LEU D 20 11.93 -34.86 3.00
N GLU D 21 11.65 -36.06 2.49
CA GLU D 21 11.77 -37.30 3.25
C GLU D 21 13.21 -37.67 3.63
N GLY D 22 14.18 -37.05 2.98
CA GLY D 22 15.59 -37.35 3.22
C GLY D 22 16.31 -36.18 3.87
N PHE D 23 15.57 -35.14 4.22
CA PHE D 23 16.19 -33.95 4.79
C PHE D 23 16.81 -34.16 6.17
N ASP D 24 18.06 -33.75 6.33
CA ASP D 24 18.73 -33.78 7.61
C ASP D 24 18.57 -32.42 8.31
N LYS D 25 17.73 -32.42 9.35
CA LYS D 25 17.37 -31.22 10.08
C LYS D 25 18.61 -30.60 10.70
N SER D 26 19.57 -31.44 11.04
CA SER D 26 20.90 -30.97 11.41
C SER D 26 21.48 -29.91 10.46
N LYS D 27 20.92 -29.78 9.26
CA LYS D 27 21.44 -28.83 8.27
C LYS D 27 20.98 -27.39 8.47
N LEU D 28 19.93 -27.22 9.27
CA LEU D 28 19.36 -25.91 9.57
C LEU D 28 20.23 -25.14 10.56
N LYS D 29 20.51 -23.88 10.25
CA LYS D 29 21.30 -22.99 11.12
C LYS D 29 20.56 -22.71 12.42
N LYS D 30 21.21 -22.03 13.37
CA LYS D 30 20.63 -21.91 14.71
C LYS D 30 20.13 -20.51 15.10
PG ATP E . -2.95 21.74 -13.88
O1G ATP E . -2.73 20.24 -13.74
O2G ATP E . -4.40 22.17 -13.75
O3G ATP E . -1.90 22.55 -13.18
PB ATP E . -1.44 21.07 -15.96
O1B ATP E . -0.21 21.29 -15.11
O2B ATP E . -2.01 19.67 -16.03
O3B ATP E . -2.58 22.03 -15.39
PA ATP E . -0.31 22.05 -18.48
O1A ATP E . 0.49 23.24 -18.11
O2A ATP E . 0.36 20.73 -18.83
O3A ATP E . -1.47 21.80 -17.40
O5' ATP E . -1.22 22.50 -19.76
C5' ATP E . -2.26 21.69 -20.30
C4' ATP E . -3.40 22.61 -20.76
O4' ATP E . -2.84 23.64 -21.57
C3' ATP E . -4.43 21.93 -21.62
O3' ATP E . -5.71 22.44 -21.22
C2' ATP E . -4.21 22.38 -23.05
O2' ATP E . -5.42 22.67 -23.74
C1' ATP E . -3.39 23.66 -22.89
N9 ATP E . -2.37 23.64 -23.97
C8 ATP E . -1.53 22.63 -24.24
N7 ATP E . -0.75 22.92 -25.34
C5 ATP E . -1.11 24.14 -25.76
C6 ATP E . -0.69 25.04 -26.85
N6 ATP E . 0.31 24.68 -27.71
N1 ATP E . -1.32 26.22 -26.95
C2 ATP E . -2.29 26.58 -26.09
N3 ATP E . -2.71 25.81 -25.09
C4 ATP E . -2.17 24.60 -24.88
MG MG F . 1.01 22.66 -13.74
PG ATP G . -2.88 -22.37 14.21
O1G ATP G . -3.29 -21.35 13.16
O2G ATP G . -3.85 -23.54 14.41
O3G ATP G . -1.41 -22.77 14.13
PB ATP G . -1.61 -21.05 16.18
O1B ATP G . -0.55 -21.35 15.13
O2B ATP G . -1.78 -19.70 16.82
O3B ATP G . -3.02 -21.53 15.58
PA ATP G . -0.31 -21.90 18.33
O1A ATP G . 0.89 -22.70 17.94
O2A ATP G . -0.43 -20.40 18.29
O3A ATP G . -1.45 -22.17 17.31
O5' ATP G . -0.79 -22.40 19.77
C5' ATP G . -0.77 -21.52 20.87
C4' ATP G . -1.33 -22.27 22.05
O4' ATP G . -0.44 -23.30 22.54
C3' ATP G . -1.49 -21.26 23.17
O3' ATP G . -2.84 -21.29 23.65
C2' ATP G . -0.60 -21.75 24.28
O2' ATP G . -1.38 -21.50 25.44
C1' ATP G . -0.41 -23.24 23.98
N9 ATP G . 0.80 -23.82 24.63
C8 ATP G . 2.08 -23.44 24.46
N7 ATP G . 2.94 -24.17 25.23
C5 ATP G . 2.19 -25.06 25.94
C6 ATP G . 2.45 -26.13 26.95
N6 ATP G . 3.70 -26.45 27.40
N1 ATP G . 1.38 -26.80 27.43
C2 ATP G . 0.13 -26.52 27.01
N3 ATP G . -0.16 -25.57 26.10
C4 ATP G . 0.80 -24.81 25.54
MG MG H . -0.79 -21.27 12.70
#